data_6F78
#
_entry.id   6F78
#
_cell.length_a   47.203
_cell.length_b   49.151
_cell.length_c   83.386
_cell.angle_alpha   73.97
_cell.angle_beta   86.68
_cell.angle_gamma   69.80
#
_symmetry.space_group_name_H-M   'P 1'
#
loop_
_entity.id
_entity.type
_entity.pdbx_description
1 polymer 'Aldo-keto reductase family 1 member C3'
2 non-polymer 4-[[3,5-bis(trifluoromethyl)phenyl]amino]-1,2-benzoxazol-3-one
3 non-polymer 'CHLORIDE ION'
4 non-polymer 'NADP NICOTINAMIDE-ADENINE-DINUCLEOTIDE PHOSPHATE'
5 water water
#
_entity_poly.entity_id   1
_entity_poly.type   'polypeptide(L)'
_entity_poly.pdbx_seq_one_letter_code
;QCVKLNDGHFMPVLGFGTYAPPEVPRSKALEVTKLAIEAGFRHIDSAHLYNNEEQVGLAIRSKIADGSVKREDIFYTSKL
WSTFHRPELVRPALENSLKKAQLDYVDLYLIHSPMSLKPGEELSPTDENGKVIFDIVDLCTTWEAMEKCKDAGLAKSIGV
SNFNRRQLEMILNKPGLKYKPVCNQVECHPYFNRSKLLDFCKSKDIVLVAYSALGSQRDKRWVDPNSPVLLEDPVLCALA
KKHKRTPALIALRYQLQRGVVVLAKSYNEQRIRQNVQVFEFQLTAEDMKAIDGLDRNLHYFNSDSFASHPNYPYSDEY
;
_entity_poly.pdbx_strand_id   A,B
#
# COMPACT_ATOMS: atom_id res chain seq x y z
N GLN A 1 19.69 7.70 -11.86
CA GLN A 1 18.81 7.32 -10.77
C GLN A 1 17.58 6.57 -11.26
N CYS A 2 17.30 5.44 -10.63
CA CYS A 2 16.20 4.56 -11.00
C CYS A 2 15.38 4.21 -9.78
N VAL A 3 14.19 3.70 -10.04
CA VAL A 3 13.34 3.10 -9.01
C VAL A 3 13.16 1.62 -9.35
N LYS A 4 13.08 0.80 -8.31
CA LYS A 4 12.89 -0.64 -8.48
C LYS A 4 11.40 -0.92 -8.62
N LEU A 5 11.01 -1.53 -9.74
CA LEU A 5 9.62 -1.85 -9.99
C LEU A 5 9.23 -3.14 -9.25
N ASN A 6 7.92 -3.37 -9.18
CA ASN A 6 7.44 -4.50 -8.39
C ASN A 6 7.77 -5.86 -9.01
N ASP A 7 8.28 -5.89 -10.24
CA ASP A 7 8.74 -7.12 -10.88
C ASP A 7 10.26 -7.26 -10.84
N GLY A 8 10.97 -6.38 -10.14
CA GLY A 8 12.41 -6.47 -10.01
C GLY A 8 13.20 -5.68 -11.03
N HIS A 9 12.56 -5.18 -12.09
CA HIS A 9 13.26 -4.36 -13.05
C HIS A 9 13.38 -2.93 -12.52
N PHE A 10 14.25 -2.15 -13.16
CA PHE A 10 14.55 -0.80 -12.74
C PHE A 10 14.16 0.21 -13.82
N MET A 11 13.55 1.30 -13.38
CA MET A 11 13.06 2.33 -14.29
C MET A 11 13.76 3.65 -13.97
N PRO A 12 14.44 4.28 -14.93
CA PRO A 12 15.03 5.60 -14.67
C PRO A 12 13.93 6.60 -14.32
N VAL A 13 14.21 7.44 -13.32
CA VAL A 13 13.17 8.32 -12.77
C VAL A 13 12.87 9.53 -13.65
N LEU A 14 13.72 9.84 -14.63
CA LEU A 14 13.47 10.91 -15.59
C LEU A 14 13.33 10.28 -16.97
N GLY A 15 12.21 10.53 -17.63
CA GLY A 15 11.97 9.99 -18.96
C GLY A 15 11.77 11.08 -19.99
N PHE A 16 12.11 10.77 -21.24
CA PHE A 16 11.97 11.69 -22.36
C PHE A 16 10.64 11.41 -23.06
N GLY A 17 9.79 12.45 -23.16
CA GLY A 17 8.53 12.32 -23.86
C GLY A 17 8.71 12.58 -25.34
N THR A 18 8.21 11.65 -26.17
CA THR A 18 8.47 11.73 -27.60
C THR A 18 7.28 12.20 -28.44
N TYR A 19 6.11 12.43 -27.85
CA TYR A 19 4.98 12.81 -28.70
C TYR A 19 5.18 14.20 -29.27
N ALA A 20 4.98 14.33 -30.57
CA ALA A 20 4.87 15.60 -31.26
C ALA A 20 3.68 15.53 -32.20
N PRO A 21 2.98 16.63 -32.40
CA PRO A 21 1.77 16.60 -33.23
C PRO A 21 2.12 16.30 -34.68
N PRO A 22 1.13 15.92 -35.49
CA PRO A 22 1.43 15.50 -36.88
C PRO A 22 2.11 16.56 -37.73
N GLU A 23 1.96 17.85 -37.40
CA GLU A 23 2.59 18.91 -38.18
C GLU A 23 4.10 18.90 -38.06
N VAL A 24 4.65 18.21 -37.07
CA VAL A 24 6.09 18.08 -36.89
C VAL A 24 6.58 16.95 -37.77
N PRO A 25 7.55 17.18 -38.67
CA PRO A 25 8.05 16.09 -39.52
C PRO A 25 8.56 14.92 -38.70
N ARG A 26 8.33 13.71 -39.23
CA ARG A 26 8.70 12.51 -38.49
C ARG A 26 10.19 12.43 -38.21
N SER A 27 11.01 13.03 -39.08
CA SER A 27 12.45 13.00 -38.86
C SER A 27 12.85 13.70 -37.56
N LYS A 28 12.02 14.61 -37.06
CA LYS A 28 12.38 15.33 -35.84
C LYS A 28 12.50 14.37 -34.65
N ALA A 29 11.64 13.34 -34.59
CA ALA A 29 11.68 12.41 -33.47
C ALA A 29 13.03 11.70 -33.40
N LEU A 30 13.60 11.38 -34.56
CA LEU A 30 14.91 10.75 -34.58
C LEU A 30 15.97 11.72 -34.05
N GLU A 31 15.97 12.94 -34.58
CA GLU A 31 16.94 13.95 -34.16
C GLU A 31 16.88 14.20 -32.66
N VAL A 32 15.67 14.44 -32.12
CA VAL A 32 15.58 14.87 -30.73
C VAL A 32 15.79 13.72 -29.75
N THR A 33 15.41 12.50 -30.12
CA THR A 33 15.68 11.37 -29.24
C THR A 33 17.18 11.12 -29.12
N LYS A 34 17.92 11.26 -30.22
CA LYS A 34 19.37 11.20 -30.13
C LYS A 34 19.90 12.28 -29.20
N LEU A 35 19.39 13.51 -29.35
CA LEU A 35 19.83 14.60 -28.47
C LEU A 35 19.52 14.27 -27.01
N ALA A 36 18.35 13.68 -26.75
CA ALA A 36 17.96 13.36 -25.39
C ALA A 36 18.92 12.33 -24.78
N ILE A 37 19.23 11.28 -25.53
CA ILE A 37 20.18 10.29 -25.02
C ILE A 37 21.54 10.93 -24.81
N GLU A 38 21.97 11.78 -25.73
CA GLU A 38 23.25 12.47 -25.57
C GLU A 38 23.27 13.34 -24.32
N ALA A 39 22.14 13.98 -24.00
CA ALA A 39 22.06 14.81 -22.80
C ALA A 39 22.03 13.98 -21.51
N GLY A 40 21.66 12.71 -21.59
CA GLY A 40 21.64 11.87 -20.42
C GLY A 40 20.33 11.16 -20.14
N PHE A 41 19.29 11.42 -20.92
CA PHE A 41 18.06 10.65 -20.76
C PHE A 41 18.33 9.19 -21.08
N ARG A 42 17.79 8.29 -20.25
CA ARG A 42 17.90 6.86 -20.46
C ARG A 42 16.56 6.14 -20.47
N HIS A 43 15.48 6.87 -20.24
CA HIS A 43 14.11 6.36 -20.28
C HIS A 43 13.43 7.14 -21.39
N ILE A 44 12.82 6.43 -22.34
N ILE A 44 12.86 6.43 -22.36
CA ILE A 44 12.26 7.02 -23.55
CA ILE A 44 12.27 7.02 -23.56
C ILE A 44 10.84 6.52 -23.70
C ILE A 44 10.83 6.52 -23.66
N ASP A 45 9.89 7.46 -23.77
CA ASP A 45 8.46 7.14 -23.75
C ASP A 45 7.86 7.34 -25.14
N SER A 46 7.43 6.24 -25.76
CA SER A 46 6.74 6.30 -27.04
C SER A 46 5.42 5.54 -26.96
N ALA A 47 4.79 5.30 -28.10
CA ALA A 47 3.48 4.65 -28.17
C ALA A 47 3.09 4.45 -29.62
N HIS A 48 2.26 3.44 -29.89
CA HIS A 48 1.68 3.28 -31.21
C HIS A 48 0.99 4.57 -31.65
N LEU A 49 0.28 5.22 -30.73
CA LEU A 49 -0.47 6.43 -31.05
C LEU A 49 0.42 7.51 -31.65
N TYR A 50 1.70 7.53 -31.29
CA TYR A 50 2.54 8.69 -31.62
C TYR A 50 3.08 8.64 -33.04
N ASN A 51 2.92 7.52 -33.74
CA ASN A 51 3.39 7.42 -35.13
C ASN A 51 4.86 7.85 -35.24
N ASN A 52 5.69 7.39 -34.30
CA ASN A 52 7.10 7.76 -34.29
C ASN A 52 8.00 6.61 -33.87
N GLU A 53 7.47 5.39 -33.70
CA GLU A 53 8.29 4.31 -33.16
C GLU A 53 9.46 3.96 -34.07
N GLU A 54 9.29 4.07 -35.39
CA GLU A 54 10.42 3.83 -36.27
C GLU A 54 11.55 4.79 -35.96
N GLN A 55 11.23 6.08 -35.83
CA GLN A 55 12.24 7.11 -35.63
C GLN A 55 12.85 7.03 -34.22
N VAL A 56 12.02 6.80 -33.21
CA VAL A 56 12.54 6.66 -31.85
C VAL A 56 13.43 5.43 -31.76
N GLY A 57 13.01 4.32 -32.37
CA GLY A 57 13.86 3.14 -32.38
C GLY A 57 15.17 3.37 -33.10
N LEU A 58 15.13 4.11 -34.22
CA LEU A 58 16.36 4.44 -34.94
C LEU A 58 17.31 5.25 -34.06
N ALA A 59 16.77 6.15 -33.25
CA ALA A 59 17.62 6.95 -32.38
C ALA A 59 18.30 6.08 -31.33
N ILE A 60 17.55 5.15 -30.73
CA ILE A 60 18.14 4.23 -29.77
C ILE A 60 19.22 3.40 -30.44
N ARG A 61 18.93 2.87 -31.62
CA ARG A 61 19.92 2.03 -32.28
C ARG A 61 21.13 2.84 -32.73
N SER A 62 20.94 4.12 -33.05
CA SER A 62 22.06 4.99 -33.42
C SER A 62 23.02 5.17 -32.26
N LYS A 63 22.48 5.40 -31.06
CA LYS A 63 23.32 5.63 -29.89
C LYS A 63 23.93 4.33 -29.37
N ILE A 64 23.36 3.19 -29.71
CA ILE A 64 24.03 1.92 -29.49
C ILE A 64 25.15 1.71 -30.51
N ALA A 65 24.85 1.96 -31.79
CA ALA A 65 25.84 1.73 -32.84
C ALA A 65 27.05 2.63 -32.68
N ASP A 66 26.85 3.88 -32.22
CA ASP A 66 27.99 4.76 -32.06
C ASP A 66 28.77 4.50 -30.77
N GLY A 67 28.31 3.57 -29.95
CA GLY A 67 29.02 3.19 -28.74
C GLY A 67 28.68 4.01 -27.52
N SER A 68 27.71 4.91 -27.61
CA SER A 68 27.38 5.76 -26.47
C SER A 68 26.70 4.97 -25.35
N VAL A 69 25.79 4.07 -25.71
CA VAL A 69 25.04 3.29 -24.74
C VAL A 69 24.94 1.85 -25.24
N LYS A 70 24.62 0.95 -24.31
CA LYS A 70 24.18 -0.40 -24.64
C LYS A 70 22.67 -0.47 -24.54
N ARG A 71 22.08 -1.48 -25.17
CA ARG A 71 20.63 -1.67 -25.12
C ARG A 71 20.15 -1.75 -23.69
N GLU A 72 20.91 -2.43 -22.82
CA GLU A 72 20.54 -2.56 -21.42
C GLU A 72 20.54 -1.24 -20.67
N ASP A 73 21.17 -0.20 -21.20
CA ASP A 73 21.18 1.11 -20.56
C ASP A 73 19.94 1.94 -20.86
N ILE A 74 19.15 1.52 -21.83
CA ILE A 74 17.99 2.28 -22.29
C ILE A 74 16.73 1.60 -21.77
N PHE A 75 15.82 2.39 -21.23
CA PHE A 75 14.50 1.92 -20.81
C PHE A 75 13.52 2.49 -21.84
N TYR A 76 13.01 1.62 -22.72
CA TYR A 76 12.10 2.05 -23.77
C TYR A 76 10.69 1.60 -23.47
N THR A 77 9.75 2.54 -23.53
CA THR A 77 8.33 2.27 -23.33
C THR A 77 7.55 2.43 -24.62
N SER A 78 6.68 1.47 -24.90
CA SER A 78 5.62 1.70 -25.86
C SER A 78 4.28 1.36 -25.21
N LYS A 79 3.21 1.59 -25.96
CA LYS A 79 1.86 1.51 -25.42
C LYS A 79 0.92 0.89 -26.44
N LEU A 80 0.06 0.01 -25.94
CA LEU A 80 -1.01 -0.63 -26.70
C LEU A 80 -2.14 0.36 -26.89
N TRP A 81 -2.48 0.66 -28.13
CA TRP A 81 -3.53 1.63 -28.38
C TRP A 81 -4.91 0.99 -28.17
N SER A 82 -5.91 1.85 -27.95
CA SER A 82 -7.23 1.46 -27.47
C SER A 82 -8.06 0.67 -28.48
N THR A 83 -7.67 0.67 -29.76
CA THR A 83 -8.30 -0.18 -30.76
C THR A 83 -7.74 -1.59 -30.75
N PHE A 84 -6.77 -1.88 -29.86
CA PHE A 84 -6.14 -3.19 -29.81
C PHE A 84 -6.32 -3.86 -28.44
N HIS A 85 -7.35 -3.49 -27.69
CA HIS A 85 -7.58 -4.08 -26.38
C HIS A 85 -8.04 -5.53 -26.46
N ARG A 86 -8.73 -5.92 -27.52
CA ARG A 86 -9.21 -7.30 -27.57
C ARG A 86 -8.02 -8.25 -27.48
N PRO A 87 -8.09 -9.30 -26.65
CA PRO A 87 -6.85 -9.99 -26.26
C PRO A 87 -6.04 -10.57 -27.41
N GLU A 88 -6.71 -11.09 -28.44
CA GLU A 88 -5.99 -11.64 -29.59
C GLU A 88 -5.23 -10.57 -30.38
N LEU A 89 -5.48 -9.29 -30.14
CA LEU A 89 -4.79 -8.22 -30.85
C LEU A 89 -3.55 -7.72 -30.11
N VAL A 90 -3.39 -8.10 -28.84
CA VAL A 90 -2.39 -7.48 -27.98
C VAL A 90 -0.99 -7.87 -28.41
N ARG A 91 -0.71 -9.17 -28.48
CA ARG A 91 0.63 -9.58 -28.86
C ARG A 91 1.00 -9.15 -30.27
N PRO A 92 0.13 -9.28 -31.28
CA PRO A 92 0.49 -8.72 -32.61
C PRO A 92 0.76 -7.23 -32.58
N ALA A 93 0.01 -6.45 -31.77
CA ALA A 93 0.29 -5.03 -31.67
C ALA A 93 1.68 -4.78 -31.10
N LEU A 94 2.07 -5.54 -30.08
CA LEU A 94 3.41 -5.38 -29.53
C LEU A 94 4.47 -5.79 -30.54
N GLU A 95 4.25 -6.91 -31.24
CA GLU A 95 5.21 -7.34 -32.24
C GLU A 95 5.36 -6.31 -33.35
N ASN A 96 4.26 -5.64 -33.72
CA ASN A 96 4.35 -4.59 -34.73
C ASN A 96 5.13 -3.39 -34.20
N SER A 97 4.92 -3.03 -32.93
CA SER A 97 5.70 -1.96 -32.33
C SER A 97 7.19 -2.32 -32.31
N LEU A 98 7.51 -3.58 -31.99
CA LEU A 98 8.90 -4.01 -31.99
C LEU A 98 9.49 -3.99 -33.39
N LYS A 99 8.71 -4.42 -34.38
CA LYS A 99 9.18 -4.39 -35.76
C LYS A 99 9.48 -2.96 -36.22
N LYS A 100 8.60 -2.02 -35.88
CA LYS A 100 8.80 -0.63 -36.27
C LYS A 100 10.08 -0.09 -35.65
N ALA A 101 10.27 -0.32 -34.36
CA ALA A 101 11.43 0.18 -33.64
C ALA A 101 12.67 -0.64 -33.92
N GLN A 102 12.52 -1.83 -34.50
CA GLN A 102 13.61 -2.80 -34.69
C GLN A 102 14.31 -3.11 -33.37
N LEU A 103 13.51 -3.36 -32.34
CA LEU A 103 13.99 -3.78 -31.04
C LEU A 103 13.48 -5.19 -30.76
N ASP A 104 14.24 -5.95 -29.97
CA ASP A 104 13.82 -7.30 -29.61
C ASP A 104 12.80 -7.30 -28.47
N TYR A 105 12.80 -6.27 -27.65
CA TYR A 105 11.87 -6.16 -26.53
C TYR A 105 11.69 -4.70 -26.21
N VAL A 106 10.56 -4.39 -25.58
CA VAL A 106 10.37 -3.09 -24.92
C VAL A 106 10.65 -3.32 -23.44
N ASP A 107 11.15 -2.29 -22.78
CA ASP A 107 11.32 -2.41 -21.33
C ASP A 107 9.99 -2.32 -20.63
N LEU A 108 9.03 -1.62 -21.24
CA LEU A 108 7.74 -1.40 -20.61
C LEU A 108 6.68 -1.33 -21.71
N TYR A 109 5.61 -2.09 -21.55
CA TYR A 109 4.46 -2.01 -22.43
C TYR A 109 3.25 -1.65 -21.59
N LEU A 110 2.54 -0.59 -21.98
CA LEU A 110 1.40 -0.08 -21.22
C LEU A 110 0.10 -0.24 -21.99
N ILE A 111 -0.98 -0.53 -21.26
CA ILE A 111 -2.30 -0.21 -21.81
C ILE A 111 -2.43 1.30 -21.81
N HIS A 112 -2.52 1.91 -22.99
CA HIS A 112 -2.44 3.37 -23.11
C HIS A 112 -3.60 4.06 -22.39
N SER A 113 -4.79 3.46 -22.43
CA SER A 113 -5.99 4.09 -21.90
C SER A 113 -6.99 2.99 -21.63
N PRO A 114 -7.83 3.13 -20.60
CA PRO A 114 -8.87 2.12 -20.35
C PRO A 114 -10.06 2.22 -21.30
N MET A 115 -10.11 3.24 -22.16
CA MET A 115 -11.28 3.51 -22.98
C MET A 115 -11.18 2.81 -24.33
N SER A 116 -11.65 1.56 -24.36
CA SER A 116 -11.53 0.76 -25.57
C SER A 116 -12.31 1.38 -26.74
N LEU A 117 -11.75 1.24 -27.94
CA LEU A 117 -12.35 1.76 -29.16
C LEU A 117 -12.47 0.64 -30.18
N LYS A 118 -13.33 0.87 -31.16
CA LYS A 118 -13.62 -0.13 -32.20
C LYS A 118 -12.33 -0.59 -32.87
N PRO A 119 -12.10 -1.91 -33.00
CA PRO A 119 -10.90 -2.38 -33.70
C PRO A 119 -10.92 -1.99 -35.17
N GLY A 120 -9.73 -1.76 -35.71
CA GLY A 120 -9.59 -1.41 -37.10
C GLY A 120 -8.29 -0.67 -37.33
N GLU A 121 -8.19 -0.08 -38.53
CA GLU A 121 -6.98 0.64 -38.92
C GLU A 121 -6.95 2.06 -38.38
N GLU A 122 -8.10 2.66 -38.09
CA GLU A 122 -8.12 4.06 -37.66
C GLU A 122 -7.76 4.15 -36.18
N LEU A 123 -6.94 5.14 -35.84
CA LEU A 123 -6.65 5.43 -34.44
C LEU A 123 -7.89 5.91 -33.72
N SER A 124 -8.76 6.66 -34.40
CA SER A 124 -9.97 7.23 -33.80
C SER A 124 -11.14 6.88 -34.71
N PRO A 125 -11.66 5.67 -34.60
CA PRO A 125 -12.76 5.25 -35.49
C PRO A 125 -14.00 6.08 -35.22
N THR A 126 -14.61 6.60 -36.29
CA THR A 126 -15.79 7.43 -36.17
C THR A 126 -16.90 6.89 -37.06
N ASP A 127 -18.14 7.19 -36.69
CA ASP A 127 -19.30 6.69 -37.41
C ASP A 127 -19.68 7.67 -38.53
N GLU A 128 -20.92 7.59 -38.98
CA GLU A 128 -21.41 8.40 -40.09
C GLU A 128 -21.49 9.88 -39.74
N ASN A 129 -21.63 10.21 -38.46
CA ASN A 129 -21.78 11.60 -38.01
C ASN A 129 -20.56 12.12 -37.28
N GLY A 130 -19.39 11.49 -37.49
CA GLY A 130 -18.17 11.96 -36.87
C GLY A 130 -18.02 11.63 -35.40
N LYS A 131 -18.84 10.72 -34.87
CA LYS A 131 -18.78 10.36 -33.46
C LYS A 131 -17.87 9.16 -33.27
N VAL A 132 -17.00 9.23 -32.26
CA VAL A 132 -16.06 8.14 -31.98
C VAL A 132 -16.83 6.90 -31.57
N ILE A 133 -16.39 5.74 -32.06
CA ILE A 133 -17.05 4.46 -31.82
C ILE A 133 -16.30 3.73 -30.71
N PHE A 134 -16.99 3.53 -29.59
CA PHE A 134 -16.42 2.81 -28.46
C PHE A 134 -16.54 1.30 -28.66
N ASP A 135 -15.79 0.55 -27.86
CA ASP A 135 -15.84 -0.91 -27.82
C ASP A 135 -15.95 -1.33 -26.36
N ILE A 136 -16.56 -2.47 -26.12
CA ILE A 136 -16.68 -3.04 -24.78
C ILE A 136 -15.72 -4.21 -24.67
N VAL A 137 -14.69 -4.06 -23.85
CA VAL A 137 -13.68 -5.10 -23.66
C VAL A 137 -13.42 -5.27 -22.18
N ASP A 138 -13.43 -6.52 -21.73
CA ASP A 138 -13.02 -6.88 -20.38
C ASP A 138 -11.52 -6.64 -20.27
N LEU A 139 -11.12 -5.57 -19.60
CA LEU A 139 -9.71 -5.21 -19.54
C LEU A 139 -8.88 -6.24 -18.77
N CYS A 140 -9.54 -7.11 -18.00
CA CYS A 140 -8.80 -8.20 -17.38
C CYS A 140 -8.30 -9.19 -18.43
N THR A 141 -9.06 -9.38 -19.52
CA THR A 141 -8.57 -10.23 -20.59
C THR A 141 -7.44 -9.55 -21.36
N THR A 142 -7.54 -8.22 -21.55
CA THR A 142 -6.42 -7.49 -22.10
C THR A 142 -5.18 -7.68 -21.25
N TRP A 143 -5.36 -7.60 -19.92
CA TRP A 143 -4.21 -7.72 -19.02
C TRP A 143 -3.58 -9.10 -19.09
N GLU A 144 -4.40 -10.17 -19.18
CA GLU A 144 -3.85 -11.51 -19.31
C GLU A 144 -2.99 -11.63 -20.56
N ALA A 145 -3.41 -10.99 -21.66
CA ALA A 145 -2.59 -11.00 -22.87
C ALA A 145 -1.31 -10.20 -22.69
N MET A 146 -1.36 -9.11 -21.92
CA MET A 146 -0.16 -8.38 -21.55
C MET A 146 0.80 -9.27 -20.76
N GLU A 147 0.26 -10.04 -19.81
CA GLU A 147 1.09 -10.94 -19.01
C GLU A 147 1.79 -11.96 -19.90
N LYS A 148 1.09 -12.49 -20.91
CA LYS A 148 1.71 -13.42 -21.84
C LYS A 148 2.84 -12.77 -22.62
N CYS A 149 2.72 -11.47 -22.92
CA CYS A 149 3.82 -10.77 -23.60
C CYS A 149 5.05 -10.67 -22.71
N LYS A 150 4.84 -10.47 -21.40
CA LYS A 150 5.96 -10.47 -20.47
C LYS A 150 6.60 -11.86 -20.39
N ASP A 151 5.78 -12.91 -20.29
CA ASP A 151 6.34 -14.25 -20.22
C ASP A 151 7.08 -14.64 -21.50
N ALA A 152 6.69 -14.07 -22.63
CA ALA A 152 7.38 -14.34 -23.89
C ALA A 152 8.65 -13.52 -24.05
N GLY A 153 8.96 -12.63 -23.11
CA GLY A 153 10.16 -11.82 -23.21
C GLY A 153 10.04 -10.61 -24.10
N LEU A 154 8.86 -10.33 -24.65
CA LEU A 154 8.69 -9.20 -25.55
C LEU A 154 8.59 -7.87 -24.80
N ALA A 155 8.13 -7.92 -23.55
CA ALA A 155 8.10 -6.75 -22.67
C ALA A 155 8.74 -7.17 -21.36
N LYS A 156 9.74 -6.42 -20.92
CA LYS A 156 10.36 -6.73 -19.63
C LYS A 156 9.36 -6.50 -18.49
N SER A 157 8.58 -5.43 -18.58
CA SER A 157 7.60 -5.06 -17.57
C SER A 157 6.35 -4.60 -18.29
N ILE A 158 5.22 -4.70 -17.58
CA ILE A 158 3.93 -4.29 -18.11
C ILE A 158 3.24 -3.38 -17.11
N GLY A 159 2.48 -2.42 -17.62
CA GLY A 159 1.79 -1.47 -16.78
C GLY A 159 0.59 -0.89 -17.49
N VAL A 160 0.01 0.16 -16.89
CA VAL A 160 -1.18 0.79 -17.43
C VAL A 160 -0.99 2.29 -17.46
N SER A 161 -1.95 2.97 -18.09
CA SER A 161 -1.89 4.42 -18.20
C SER A 161 -3.33 4.93 -18.19
N ASN A 162 -3.54 6.04 -17.50
CA ASN A 162 -4.83 6.70 -17.43
C ASN A 162 -5.89 5.88 -16.69
N PHE A 163 -5.47 4.98 -15.81
CA PHE A 163 -6.42 4.22 -15.00
C PHE A 163 -6.72 4.98 -13.70
N ASN A 164 -7.96 4.89 -13.25
CA ASN A 164 -8.31 5.39 -11.93
C ASN A 164 -8.18 4.27 -10.90
N ARG A 165 -8.50 4.59 -9.64
N ARG A 165 -8.48 4.57 -9.64
CA ARG A 165 -8.42 3.59 -8.57
CA ARG A 165 -8.32 3.57 -8.58
C ARG A 165 -9.25 2.37 -8.87
C ARG A 165 -9.19 2.35 -8.84
N ARG A 166 -10.52 2.57 -9.25
N ARG A 166 -10.44 2.56 -9.24
CA ARG A 166 -11.42 1.45 -9.49
CA ARG A 166 -11.36 1.44 -9.46
C ARG A 166 -10.88 0.55 -10.60
C ARG A 166 -10.86 0.55 -10.59
N GLN A 167 -10.33 1.14 -11.66
CA GLN A 167 -9.81 0.34 -12.76
C GLN A 167 -8.54 -0.40 -12.36
N LEU A 168 -7.67 0.22 -11.56
CA LEU A 168 -6.52 -0.50 -11.03
C LEU A 168 -6.95 -1.68 -10.17
N GLU A 169 -7.96 -1.47 -9.32
CA GLU A 169 -8.44 -2.54 -8.45
C GLU A 169 -8.99 -3.71 -9.25
N MET A 170 -9.63 -3.42 -10.37
CA MET A 170 -10.17 -4.49 -11.21
C MET A 170 -9.07 -5.42 -11.67
N ILE A 171 -7.90 -4.86 -12.03
CA ILE A 171 -6.75 -5.69 -12.38
C ILE A 171 -6.15 -6.34 -11.14
N LEU A 172 -5.94 -5.56 -10.09
CA LEU A 172 -5.26 -6.07 -8.90
C LEU A 172 -6.02 -7.20 -8.24
N ASN A 173 -7.34 -7.22 -8.37
CA ASN A 173 -8.19 -8.23 -7.76
C ASN A 173 -8.58 -9.33 -8.72
N LYS A 174 -8.01 -9.35 -9.92
CA LYS A 174 -8.36 -10.35 -10.91
C LYS A 174 -7.98 -11.74 -10.42
N PRO A 175 -8.87 -12.72 -10.48
CA PRO A 175 -8.49 -14.10 -10.15
C PRO A 175 -7.35 -14.56 -11.04
N GLY A 176 -6.36 -15.20 -10.42
CA GLY A 176 -5.24 -15.72 -11.18
C GLY A 176 -4.28 -14.66 -11.70
N LEU A 177 -4.32 -13.45 -11.15
CA LEU A 177 -3.37 -12.41 -11.54
C LEU A 177 -1.95 -12.94 -11.40
N LYS A 178 -1.15 -12.72 -12.44
CA LYS A 178 0.25 -13.14 -12.42
C LYS A 178 1.21 -11.99 -12.18
N TYR A 179 0.98 -10.85 -12.82
CA TYR A 179 1.84 -9.68 -12.69
C TYR A 179 0.99 -8.45 -12.41
N LYS A 180 1.27 -7.78 -11.30
CA LYS A 180 0.68 -6.47 -11.08
C LYS A 180 1.18 -5.52 -12.15
N PRO A 181 0.42 -4.49 -12.50
CA PRO A 181 1.01 -3.39 -13.28
C PRO A 181 2.14 -2.78 -12.49
N VAL A 182 3.27 -2.52 -13.18
CA VAL A 182 4.40 -1.89 -12.50
C VAL A 182 4.15 -0.41 -12.28
N CYS A 183 3.28 0.19 -13.07
CA CYS A 183 3.10 1.63 -13.03
C CYS A 183 1.73 1.99 -13.56
N ASN A 184 1.34 3.22 -13.25
CA ASN A 184 0.17 3.87 -13.84
C ASN A 184 0.66 5.23 -14.31
N GLN A 185 0.74 5.42 -15.64
CA GLN A 185 1.17 6.69 -16.22
C GLN A 185 -0.03 7.60 -16.40
N VAL A 186 -0.02 8.76 -15.74
CA VAL A 186 -1.20 9.62 -15.66
C VAL A 186 -0.76 11.08 -15.75
N GLU A 187 -1.73 11.94 -16.07
CA GLU A 187 -1.47 13.38 -16.06
C GLU A 187 -1.17 13.82 -14.64
N CYS A 188 -0.05 14.50 -14.43
CA CYS A 188 0.36 14.82 -13.07
C CYS A 188 1.32 15.99 -13.10
N HIS A 189 0.95 17.06 -12.39
CA HIS A 189 1.71 18.30 -12.36
C HIS A 189 1.19 19.11 -11.16
N PRO A 190 1.82 20.23 -10.83
CA PRO A 190 1.38 20.96 -9.63
C PRO A 190 -0.07 21.42 -9.64
N TYR A 191 -0.73 21.55 -10.80
CA TYR A 191 -2.13 21.93 -10.78
C TYR A 191 -3.08 20.74 -10.70
N PHE A 192 -2.53 19.52 -10.75
CA PHE A 192 -3.31 18.28 -10.72
C PHE A 192 -2.34 17.23 -10.19
N ASN A 193 -2.06 17.27 -8.89
CA ASN A 193 -0.90 16.54 -8.38
C ASN A 193 -1.20 15.07 -8.06
N ARG A 194 -2.47 14.66 -8.14
CA ARG A 194 -2.85 13.25 -8.02
C ARG A 194 -2.47 12.65 -6.67
N SER A 195 -2.52 13.46 -5.60
CA SER A 195 -2.00 13.00 -4.32
C SER A 195 -2.72 11.75 -3.82
N LYS A 196 -4.05 11.68 -3.98
CA LYS A 196 -4.78 10.49 -3.52
C LYS A 196 -4.44 9.27 -4.35
N LEU A 197 -4.37 9.43 -5.67
CA LEU A 197 -4.02 8.30 -6.54
C LEU A 197 -2.57 7.87 -6.28
N LEU A 198 -1.69 8.83 -6.01
CA LEU A 198 -0.31 8.49 -5.69
C LEU A 198 -0.23 7.66 -4.42
N ASP A 199 -0.96 8.08 -3.38
CA ASP A 199 -1.00 7.30 -2.14
C ASP A 199 -1.53 5.90 -2.40
N PHE A 200 -2.61 5.78 -3.19
CA PHE A 200 -3.13 4.47 -3.52
C PHE A 200 -2.09 3.62 -4.24
N CYS A 201 -1.45 4.18 -5.25
CA CYS A 201 -0.43 3.44 -6.00
C CYS A 201 0.70 2.99 -5.08
N LYS A 202 1.19 3.89 -4.22
CA LYS A 202 2.25 3.50 -3.30
C LYS A 202 1.82 2.34 -2.43
N SER A 203 0.56 2.33 -1.98
CA SER A 203 0.06 1.28 -1.11
C SER A 203 -0.04 -0.06 -1.84
N LYS A 204 -0.03 -0.06 -3.17
CA LYS A 204 -0.15 -1.27 -3.97
C LYS A 204 1.16 -1.64 -4.64
N ASP A 205 2.25 -0.94 -4.34
CA ASP A 205 3.55 -1.20 -4.98
C ASP A 205 3.51 -0.90 -6.48
N ILE A 206 2.82 0.19 -6.85
CA ILE A 206 2.70 0.65 -8.23
C ILE A 206 3.34 2.03 -8.32
N VAL A 207 4.20 2.23 -9.32
CA VAL A 207 4.82 3.54 -9.51
C VAL A 207 3.87 4.43 -10.28
N LEU A 208 3.72 5.67 -9.84
CA LEU A 208 3.02 6.68 -10.64
C LEU A 208 4.02 7.38 -11.55
N VAL A 209 3.71 7.43 -12.84
CA VAL A 209 4.53 8.11 -13.84
C VAL A 209 3.76 9.31 -14.34
N ALA A 210 4.36 10.49 -14.23
CA ALA A 210 3.70 11.76 -14.57
C ALA A 210 3.93 12.14 -16.02
N TYR A 211 2.84 12.36 -16.75
CA TYR A 211 2.90 13.04 -18.03
C TYR A 211 2.25 14.43 -17.93
N SER A 212 2.53 15.26 -18.93
CA SER A 212 2.16 16.67 -18.89
C SER A 212 2.68 17.35 -17.63
N ALA A 213 3.83 16.87 -17.15
CA ALA A 213 4.43 17.39 -15.93
C ALA A 213 4.90 18.82 -16.08
N LEU A 214 5.06 19.29 -17.32
CA LEU A 214 5.40 20.68 -17.61
C LEU A 214 4.18 21.49 -18.04
N GLY A 215 2.99 20.92 -17.91
CA GLY A 215 1.78 21.65 -18.22
C GLY A 215 1.18 21.33 -19.57
N SER A 216 1.66 20.30 -20.26
CA SER A 216 1.18 19.83 -21.56
C SER A 216 1.66 20.72 -22.70
N GLN A 217 1.47 20.24 -23.92
CA GLN A 217 1.83 21.00 -25.10
C GLN A 217 0.77 22.01 -25.49
N ARG A 218 -0.33 22.08 -24.73
CA ARG A 218 -1.37 23.07 -24.95
C ARG A 218 -1.85 23.07 -26.40
N ASP A 219 -1.94 21.87 -26.97
CA ASP A 219 -2.44 21.74 -28.33
C ASP A 219 -3.89 22.21 -28.38
N LYS A 220 -4.15 23.20 -29.23
CA LYS A 220 -5.47 23.82 -29.28
C LYS A 220 -6.57 22.86 -29.70
N ARG A 221 -6.22 21.66 -30.17
CA ARG A 221 -7.23 20.67 -30.49
C ARG A 221 -7.69 19.88 -29.26
N TRP A 222 -6.93 19.90 -28.16
CA TRP A 222 -7.34 19.15 -26.98
C TRP A 222 -7.06 19.85 -25.65
N VAL A 223 -6.60 21.10 -25.65
CA VAL A 223 -6.36 21.85 -24.42
C VAL A 223 -6.98 23.22 -24.54
N ASP A 224 -7.73 23.63 -23.52
CA ASP A 224 -8.37 24.94 -23.48
C ASP A 224 -7.30 26.03 -23.48
N PRO A 225 -7.31 26.94 -24.45
CA PRO A 225 -6.30 28.02 -24.45
C PRO A 225 -6.40 28.95 -23.26
N ASN A 226 -7.56 29.05 -22.63
CA ASN A 226 -7.72 29.90 -21.45
C ASN A 226 -7.28 29.21 -20.16
N SER A 227 -6.85 27.95 -20.22
CA SER A 227 -6.33 27.31 -19.03
C SER A 227 -5.04 28.01 -18.61
N PRO A 228 -4.75 28.07 -17.31
CA PRO A 228 -3.52 28.73 -16.86
C PRO A 228 -2.30 27.98 -17.37
N VAL A 229 -1.29 28.74 -17.77
CA VAL A 229 -0.03 28.16 -18.25
C VAL A 229 0.80 27.76 -17.03
N LEU A 230 1.03 26.46 -16.85
CA LEU A 230 1.69 25.98 -15.63
C LEU A 230 3.03 26.67 -15.41
N LEU A 231 3.84 26.81 -16.45
CA LEU A 231 5.19 27.32 -16.27
C LEU A 231 5.23 28.82 -16.03
N GLU A 232 4.09 29.51 -16.10
CA GLU A 232 3.99 30.91 -15.72
C GLU A 232 3.49 31.09 -14.29
N ASP A 233 3.32 30.00 -13.54
CA ASP A 233 2.78 30.10 -12.19
C ASP A 233 3.72 30.94 -11.33
N PRO A 234 3.19 31.89 -10.55
CA PRO A 234 4.08 32.76 -9.74
C PRO A 234 4.88 32.01 -8.71
N VAL A 235 4.31 30.96 -8.10
CA VAL A 235 5.06 30.20 -7.10
C VAL A 235 6.20 29.43 -7.75
N LEU A 236 5.93 28.77 -8.88
CA LEU A 236 7.00 28.08 -9.59
C LEU A 236 8.08 29.04 -10.04
N CYS A 237 7.69 30.24 -10.48
CA CYS A 237 8.68 31.21 -10.96
C CYS A 237 9.53 31.74 -9.82
N ALA A 238 8.91 31.98 -8.65
CA ALA A 238 9.69 32.42 -7.49
C ALA A 238 10.66 31.34 -7.04
N LEU A 239 10.22 30.07 -7.04
CA LEU A 239 11.11 28.98 -6.67
C LEU A 239 12.26 28.84 -7.66
N ALA A 240 11.96 29.01 -8.96
CA ALA A 240 13.01 28.97 -9.97
C ALA A 240 14.07 30.05 -9.71
N LYS A 241 13.63 31.26 -9.39
CA LYS A 241 14.58 32.33 -9.13
C LYS A 241 15.42 32.03 -7.91
N LYS A 242 14.78 31.49 -6.86
CA LYS A 242 15.50 31.16 -5.62
C LYS A 242 16.62 30.15 -5.88
N HIS A 243 16.31 29.10 -6.63
CA HIS A 243 17.27 28.02 -6.87
C HIS A 243 18.16 28.28 -8.08
N LYS A 244 17.97 29.41 -8.77
CA LYS A 244 18.70 29.68 -10.01
C LYS A 244 18.47 28.58 -11.04
N ARG A 245 17.22 28.14 -11.15
CA ARG A 245 16.80 27.16 -12.14
C ARG A 245 15.71 27.77 -13.00
N THR A 246 14.80 26.95 -13.52
CA THR A 246 13.70 27.41 -14.34
C THR A 246 12.41 26.80 -13.81
N PRO A 247 11.26 27.39 -14.15
CA PRO A 247 9.99 26.79 -13.71
C PRO A 247 9.85 25.33 -14.11
N ALA A 248 10.29 24.97 -15.31
CA ALA A 248 10.22 23.58 -15.73
C ALA A 248 11.02 22.68 -14.81
N LEU A 249 12.23 23.11 -14.44
CA LEU A 249 13.06 22.29 -13.56
C LEU A 249 12.43 22.14 -12.18
N ILE A 250 11.80 23.20 -11.66
CA ILE A 250 11.07 23.10 -10.39
C ILE A 250 9.97 22.04 -10.51
N ALA A 251 9.21 22.09 -11.60
CA ALA A 251 8.10 21.17 -11.77
C ALA A 251 8.57 19.73 -11.89
N LEU A 252 9.71 19.51 -12.54
CA LEU A 252 10.24 18.15 -12.64
C LEU A 252 10.78 17.68 -11.29
N ARG A 253 11.53 18.53 -10.59
CA ARG A 253 12.12 18.12 -9.32
C ARG A 253 11.05 17.82 -8.29
N TYR A 254 9.94 18.56 -8.33
CA TYR A 254 8.82 18.29 -7.45
C TYR A 254 8.39 16.84 -7.52
N GLN A 255 8.24 16.31 -8.75
CA GLN A 255 7.80 14.94 -8.88
C GLN A 255 8.83 13.97 -8.33
N LEU A 256 10.11 14.19 -8.62
CA LEU A 256 11.14 13.28 -8.13
C LEU A 256 11.12 13.20 -6.62
N GLN A 257 10.93 14.32 -5.93
CA GLN A 257 10.97 14.33 -4.48
C GLN A 257 9.73 13.77 -3.83
N ARG A 258 8.65 13.56 -4.57
CA ARG A 258 7.46 12.93 -4.01
C ARG A 258 7.30 11.48 -4.47
N GLY A 259 8.34 10.90 -5.06
CA GLY A 259 8.30 9.50 -5.44
C GLY A 259 7.67 9.22 -6.78
N VAL A 260 7.50 10.24 -7.63
CA VAL A 260 6.87 10.10 -8.93
C VAL A 260 7.95 10.07 -10.00
N VAL A 261 7.86 9.10 -10.92
CA VAL A 261 8.74 9.12 -12.09
C VAL A 261 8.17 10.12 -13.08
N VAL A 262 9.01 10.95 -13.68
CA VAL A 262 8.54 12.12 -14.40
C VAL A 262 9.01 12.11 -15.85
N LEU A 263 8.09 12.35 -16.77
CA LEU A 263 8.43 12.52 -18.19
C LEU A 263 8.57 14.00 -18.49
N ALA A 264 9.35 14.29 -19.54
CA ALA A 264 9.51 15.67 -20.00
C ALA A 264 9.68 15.62 -21.51
N LYS A 265 8.73 16.18 -22.25
CA LYS A 265 8.87 16.30 -23.70
C LYS A 265 9.53 17.62 -24.04
N SER A 266 10.53 17.59 -24.90
CA SER A 266 11.00 18.79 -25.57
C SER A 266 11.55 18.37 -26.92
N TYR A 267 11.20 19.12 -27.95
CA TYR A 267 11.82 18.97 -29.26
C TYR A 267 12.82 20.10 -29.51
N ASN A 268 13.27 20.78 -28.46
CA ASN A 268 14.20 21.88 -28.55
C ASN A 268 15.51 21.45 -27.90
N GLU A 269 16.62 21.49 -28.67
CA GLU A 269 17.90 21.02 -28.15
C GLU A 269 18.27 21.67 -26.83
N GLN A 270 18.10 22.99 -26.71
CA GLN A 270 18.52 23.66 -25.49
C GLN A 270 17.68 23.22 -24.30
N ARG A 271 16.37 23.07 -24.49
CA ARG A 271 15.53 22.66 -23.36
C ARG A 271 15.76 21.20 -23.00
N ILE A 272 16.03 20.35 -23.99
CA ILE A 272 16.41 18.96 -23.70
C ILE A 272 17.63 18.94 -22.77
N ARG A 273 18.65 19.73 -23.10
CA ARG A 273 19.85 19.78 -22.30
C ARG A 273 19.59 20.40 -20.94
N GLN A 274 18.67 21.35 -20.86
CA GLN A 274 18.35 21.96 -19.57
C GLN A 274 17.66 20.97 -18.64
N ASN A 275 16.79 20.11 -19.19
CA ASN A 275 15.92 19.31 -18.34
C ASN A 275 16.68 18.29 -17.51
N VAL A 276 17.85 17.83 -17.99
CA VAL A 276 18.64 16.88 -17.23
C VAL A 276 19.25 17.51 -15.99
N GLN A 277 19.19 18.84 -15.87
CA GLN A 277 19.65 19.49 -14.64
C GLN A 277 18.78 19.18 -13.43
N VAL A 278 17.68 18.45 -13.60
CA VAL A 278 16.82 18.13 -12.47
C VAL A 278 17.58 17.41 -11.37
N PHE A 279 18.66 16.72 -11.71
CA PHE A 279 19.44 16.00 -10.71
C PHE A 279 20.45 16.87 -9.99
N GLU A 280 20.57 18.15 -10.34
CA GLU A 280 21.64 19.00 -9.82
C GLU A 280 21.25 19.79 -8.57
N PHE A 281 20.00 19.76 -8.14
CA PHE A 281 19.57 20.56 -7.00
C PHE A 281 18.43 19.85 -6.29
N GLN A 282 18.10 20.36 -5.10
CA GLN A 282 17.04 19.83 -4.26
C GLN A 282 16.11 20.96 -3.84
N LEU A 283 14.82 20.64 -3.76
CA LEU A 283 13.82 21.52 -3.17
C LEU A 283 13.73 21.23 -1.69
N THR A 284 13.55 22.28 -0.89
CA THR A 284 13.37 22.08 0.54
C THR A 284 11.97 21.52 0.83
N ALA A 285 11.80 21.03 2.05
CA ALA A 285 10.48 20.58 2.48
C ALA A 285 9.46 21.70 2.37
N GLU A 286 9.86 22.92 2.70
CA GLU A 286 8.96 24.06 2.56
C GLU A 286 8.64 24.36 1.11
N ASP A 287 9.64 24.27 0.23
CA ASP A 287 9.39 24.43 -1.20
C ASP A 287 8.36 23.42 -1.67
N MET A 288 8.50 22.16 -1.24
CA MET A 288 7.59 21.10 -1.67
C MET A 288 6.17 21.41 -1.22
N LYS A 289 6.01 21.92 0.01
CA LYS A 289 4.69 22.27 0.50
C LYS A 289 4.10 23.42 -0.30
N ALA A 290 4.92 24.39 -0.70
CA ALA A 290 4.44 25.47 -1.54
C ALA A 290 3.91 24.93 -2.87
N ILE A 291 4.63 23.98 -3.45
CA ILE A 291 4.16 23.40 -4.71
C ILE A 291 2.90 22.58 -4.49
N ASP A 292 2.84 21.80 -3.40
CA ASP A 292 1.62 21.08 -3.06
C ASP A 292 0.41 22.00 -3.01
N GLY A 293 0.62 23.25 -2.56
CA GLY A 293 -0.47 24.20 -2.43
C GLY A 293 -1.03 24.71 -3.73
N LEU A 294 -0.42 24.36 -4.86
CA LEU A 294 -0.93 24.79 -6.15
C LEU A 294 -2.03 23.89 -6.71
N ASP A 295 -2.28 22.74 -6.08
CA ASP A 295 -3.21 21.76 -6.63
C ASP A 295 -4.59 22.39 -6.83
N ARG A 296 -5.16 22.20 -8.03
CA ARG A 296 -6.47 22.77 -8.31
C ARG A 296 -7.31 21.87 -9.21
N ASN A 297 -7.03 20.58 -9.26
CA ASN A 297 -7.85 19.62 -10.01
C ASN A 297 -7.98 20.03 -11.48
N LEU A 298 -6.90 20.51 -12.07
CA LEU A 298 -6.92 21.03 -13.43
C LEU A 298 -6.30 19.99 -14.36
N HIS A 299 -7.10 19.34 -15.19
N HIS A 299 -7.14 19.41 -15.21
CA HIS A 299 -6.52 18.45 -16.21
CA HIS A 299 -6.71 18.52 -16.28
C HIS A 299 -6.53 19.12 -17.58
C HIS A 299 -6.49 19.38 -17.51
N TYR A 300 -5.33 19.25 -18.15
CA TYR A 300 -5.14 19.98 -19.40
C TYR A 300 -5.81 19.28 -20.57
N PHE A 301 -5.72 17.96 -20.64
CA PHE A 301 -6.35 17.24 -21.74
C PHE A 301 -7.86 17.31 -21.57
N ASN A 302 -8.54 17.85 -22.59
CA ASN A 302 -9.99 17.97 -22.58
C ASN A 302 -10.55 16.65 -23.07
N SER A 303 -10.91 15.79 -22.12
CA SER A 303 -11.47 14.48 -22.42
C SER A 303 -13.00 14.45 -22.30
N ASP A 304 -13.64 15.63 -22.31
CA ASP A 304 -15.08 15.70 -22.09
C ASP A 304 -15.87 14.89 -23.11
N SER A 305 -15.37 14.79 -24.35
CA SER A 305 -16.06 14.02 -25.37
C SER A 305 -16.11 12.53 -25.05
N PHE A 306 -15.23 12.06 -24.18
CA PHE A 306 -15.20 10.67 -23.75
C PHE A 306 -15.90 10.44 -22.43
N ALA A 307 -16.62 11.44 -21.91
CA ALA A 307 -17.24 11.33 -20.59
C ALA A 307 -18.32 10.25 -20.56
N SER A 308 -18.94 9.96 -21.70
CA SER A 308 -19.93 8.90 -21.74
C SER A 308 -19.32 7.52 -21.85
N HIS A 309 -18.01 7.42 -22.08
CA HIS A 309 -17.38 6.12 -22.17
C HIS A 309 -17.50 5.42 -20.82
N PRO A 310 -17.94 4.16 -20.78
CA PRO A 310 -18.07 3.46 -19.49
C PRO A 310 -16.79 3.44 -18.70
N ASN A 311 -15.63 3.49 -19.37
CA ASN A 311 -14.33 3.48 -18.71
C ASN A 311 -13.68 4.86 -18.62
N TYR A 312 -14.46 5.93 -18.79
CA TYR A 312 -13.93 7.27 -18.57
C TYR A 312 -13.31 7.34 -17.19
N PRO A 313 -12.04 7.71 -17.05
CA PRO A 313 -11.39 7.61 -15.74
C PRO A 313 -11.61 8.79 -14.81
N TYR A 314 -12.13 9.91 -15.29
CA TYR A 314 -12.15 11.14 -14.52
C TYR A 314 -13.47 11.44 -13.82
N SER A 315 -14.42 10.51 -13.82
CA SER A 315 -15.65 10.78 -13.10
C SER A 315 -15.55 10.46 -11.61
N ASP A 316 -14.64 9.56 -11.24
CA ASP A 316 -14.44 9.22 -9.84
C ASP A 316 -13.51 10.24 -9.18
N GLU A 317 -13.63 10.34 -7.85
CA GLU A 317 -12.78 11.24 -7.09
C GLU A 317 -11.31 11.01 -7.39
N TYR A 318 -10.90 9.75 -7.48
CA TYR A 318 -9.58 9.37 -7.98
C TYR A 318 -9.61 7.89 -8.30
N GLN B 1 14.41 -9.95 22.91
CA GLN B 1 13.86 -10.84 23.92
C GLN B 1 12.55 -11.48 23.47
N CYS B 2 12.45 -12.79 23.66
CA CYS B 2 11.29 -13.57 23.25
C CYS B 2 10.82 -14.41 24.42
N VAL B 3 9.59 -14.88 24.32
CA VAL B 3 9.06 -15.90 25.22
C VAL B 3 8.83 -17.17 24.42
N LYS B 4 9.10 -18.31 25.03
CA LYS B 4 8.87 -19.59 24.37
C LYS B 4 7.40 -19.97 24.52
N LEU B 5 6.73 -20.19 23.40
CA LEU B 5 5.32 -20.55 23.41
C LEU B 5 5.16 -22.04 23.71
N ASN B 6 3.92 -22.44 24.03
CA ASN B 6 3.69 -23.82 24.44
C ASN B 6 3.76 -24.81 23.29
N ASP B 7 3.99 -24.35 22.06
CA ASP B 7 4.25 -25.23 20.93
C ASP B 7 5.72 -25.21 20.52
N GLY B 8 6.58 -24.58 21.31
CA GLY B 8 8.00 -24.55 21.03
C GLY B 8 8.48 -23.39 20.19
N HIS B 9 7.56 -22.62 19.60
CA HIS B 9 7.97 -21.44 18.85
C HIS B 9 8.25 -20.29 19.81
N PHE B 10 8.84 -19.23 19.29
CA PHE B 10 9.28 -18.09 20.09
C PHE B 10 8.60 -16.81 19.61
N MET B 11 8.10 -16.03 20.56
CA MET B 11 7.38 -14.79 20.25
C MET B 11 8.15 -13.62 20.83
N PRO B 12 8.55 -12.62 20.04
CA PRO B 12 9.18 -11.43 20.63
C PRO B 12 8.21 -10.74 21.58
N VAL B 13 8.74 -10.28 22.72
CA VAL B 13 7.88 -9.79 23.80
C VAL B 13 7.33 -8.40 23.54
N LEU B 14 7.89 -7.65 22.59
CA LEU B 14 7.37 -6.35 22.18
C LEU B 14 6.90 -6.47 20.75
N GLY B 15 5.64 -6.10 20.50
CA GLY B 15 5.05 -6.20 19.19
C GLY B 15 4.59 -4.84 18.68
N PHE B 16 4.61 -4.67 17.36
CA PHE B 16 4.18 -3.44 16.72
C PHE B 16 2.72 -3.56 16.31
N GLY B 17 1.87 -2.65 16.83
CA GLY B 17 0.47 -2.64 16.46
C GLY B 17 0.26 -1.85 15.19
N THR B 18 -0.47 -2.45 14.25
CA THR B 18 -0.58 -1.85 12.92
C THR B 18 -1.93 -1.21 12.63
N TYR B 19 -2.92 -1.32 13.51
CA TYR B 19 -4.22 -0.76 13.18
C TYR B 19 -4.16 0.76 13.12
N ALA B 20 -4.72 1.32 12.06
CA ALA B 20 -4.97 2.74 11.97
C ALA B 20 -6.35 2.94 11.36
N PRO B 21 -7.06 3.99 11.76
CA PRO B 21 -8.45 4.16 11.29
C PRO B 21 -8.49 4.47 9.80
N PRO B 22 -9.66 4.32 9.16
CA PRO B 22 -9.73 4.47 7.70
C PRO B 22 -9.30 5.82 7.17
N GLU B 23 -9.33 6.87 8.00
CA GLU B 23 -8.91 8.20 7.56
C GLU B 23 -7.41 8.27 7.28
N VAL B 24 -6.64 7.35 7.82
CA VAL B 24 -5.20 7.30 7.56
C VAL B 24 -4.98 6.62 6.20
N PRO B 25 -4.29 7.27 5.27
CA PRO B 25 -4.10 6.64 3.97
C PRO B 25 -3.34 5.32 4.10
N ARG B 26 -3.68 4.37 3.22
CA ARG B 26 -3.13 3.03 3.35
C ARG B 26 -1.63 2.98 3.12
N SER B 27 -1.04 3.99 2.47
CA SER B 27 0.42 3.96 2.33
C SER B 27 1.13 4.13 3.67
N LYS B 28 0.48 4.71 4.67
CA LYS B 28 1.17 4.91 5.94
C LYS B 28 1.50 3.59 6.61
N ALA B 29 0.62 2.58 6.51
CA ALA B 29 0.93 1.29 7.12
C ALA B 29 2.19 0.71 6.54
N LEU B 30 2.41 0.93 5.23
CA LEU B 30 3.65 0.48 4.60
C LEU B 30 4.84 1.23 5.17
N GLU B 31 4.73 2.56 5.21
CA GLU B 31 5.85 3.38 5.69
C GLU B 31 6.20 3.06 7.13
N VAL B 32 5.20 2.99 8.01
CA VAL B 32 5.49 2.87 9.44
C VAL B 32 5.93 1.46 9.81
N THR B 33 5.46 0.43 9.08
CA THR B 33 5.95 -0.91 9.37
C THR B 33 7.42 -1.02 9.02
N LYS B 34 7.85 -0.36 7.93
CA LYS B 34 9.27 -0.29 7.64
C LYS B 34 10.02 0.43 8.76
N LEU B 35 9.47 1.55 9.24
CA LEU B 35 10.13 2.28 10.32
C LEU B 35 10.21 1.43 11.57
N ALA B 36 9.16 0.65 11.84
CA ALA B 36 9.17 -0.20 13.03
C ALA B 36 10.25 -1.25 12.93
N ILE B 37 10.36 -1.91 11.79
CA ILE B 37 11.42 -2.89 11.60
C ILE B 37 12.79 -2.23 11.74
N GLU B 38 12.95 -1.05 11.15
CA GLU B 38 14.22 -0.33 11.26
C GLU B 38 14.53 0.01 12.71
N ALA B 39 13.50 0.32 13.51
CA ALA B 39 13.71 0.66 14.91
C ALA B 39 14.05 -0.55 15.76
N GLY B 40 13.75 -1.76 15.28
CA GLY B 40 14.06 -2.99 15.99
C GLY B 40 12.87 -3.85 16.32
N PHE B 41 11.63 -3.45 15.99
CA PHE B 41 10.50 -4.34 16.16
C PHE B 41 10.65 -5.54 15.23
N ARG B 42 10.29 -6.72 15.74
CA ARG B 42 10.30 -7.94 14.95
C ARG B 42 8.96 -8.66 14.99
N HIS B 43 8.13 -8.38 15.97
CA HIS B 43 6.78 -8.91 16.09
C HIS B 43 5.85 -7.84 15.55
N ILE B 44 5.02 -8.21 14.57
CA ILE B 44 4.13 -7.28 13.88
C ILE B 44 2.72 -7.85 13.93
N ASP B 45 1.77 -7.04 14.44
CA ASP B 45 0.42 -7.51 14.69
C ASP B 45 -0.55 -6.91 13.68
N SER B 46 -1.16 -7.76 12.85
CA SER B 46 -2.16 -7.32 11.89
C SER B 46 -3.39 -8.21 11.99
N ALA B 47 -4.29 -8.09 11.01
CA ALA B 47 -5.56 -8.80 11.04
C ALA B 47 -6.30 -8.53 9.74
N HIS B 48 -7.16 -9.46 9.31
CA HIS B 48 -8.04 -9.17 8.19
C HIS B 48 -8.83 -7.89 8.43
N LEU B 49 -9.31 -7.69 9.66
CA LEU B 49 -10.14 -6.54 9.97
C LEU B 49 -9.45 -5.21 9.64
N TYR B 50 -8.12 -5.17 9.67
CA TYR B 50 -7.42 -3.90 9.65
C TYR B 50 -7.29 -3.31 8.25
N ASN B 51 -7.62 -4.07 7.21
CA ASN B 51 -7.49 -3.59 5.84
C ASN B 51 -6.09 -3.04 5.58
N ASN B 52 -5.08 -3.74 6.06
CA ASN B 52 -3.71 -3.32 5.86
C ASN B 52 -2.73 -4.46 5.62
N GLU B 53 -3.19 -5.72 5.52
CA GLU B 53 -2.23 -6.82 5.39
C GLU B 53 -1.38 -6.70 4.14
N GLU B 54 -1.96 -6.18 3.06
CA GLU B 54 -1.14 -5.99 1.86
C GLU B 54 0.02 -5.04 2.12
N GLN B 55 -0.24 -3.94 2.82
CA GLN B 55 0.79 -2.94 3.09
C GLN B 55 1.79 -3.45 4.12
N VAL B 56 1.32 -4.11 5.17
CA VAL B 56 2.24 -4.67 6.16
C VAL B 56 3.13 -5.73 5.51
N GLY B 57 2.53 -6.60 4.69
CA GLY B 57 3.33 -7.61 4.00
C GLY B 57 4.33 -6.99 3.04
N LEU B 58 3.94 -5.90 2.37
CA LEU B 58 4.88 -5.23 1.47
CA LEU B 58 4.87 -5.21 1.48
C LEU B 58 6.06 -4.66 2.25
N ALA B 59 5.81 -4.11 3.43
CA ALA B 59 6.90 -3.59 4.24
C ALA B 59 7.86 -4.70 4.65
N ILE B 60 7.31 -5.85 5.05
CA ILE B 60 8.14 -6.99 5.43
C ILE B 60 9.00 -7.43 4.25
N ARG B 61 8.39 -7.58 3.08
CA ARG B 61 9.15 -8.04 1.92
C ARG B 61 10.21 -7.03 1.53
N SER B 62 9.92 -5.73 1.71
CA SER B 62 10.89 -4.69 1.38
C SER B 62 12.10 -4.77 2.30
N LYS B 63 11.88 -5.01 3.60
CA LYS B 63 12.99 -5.10 4.54
C LYS B 63 13.75 -6.42 4.42
N ILE B 64 13.12 -7.46 3.87
CA ILE B 64 13.87 -8.65 3.49
C ILE B 64 14.70 -8.38 2.25
N ALA B 65 14.11 -7.71 1.25
CA ALA B 65 14.80 -7.47 -0.01
C ALA B 65 16.04 -6.60 0.18
N ASP B 66 15.98 -5.62 1.08
CA ASP B 66 17.14 -4.77 1.30
C ASP B 66 18.15 -5.37 2.27
N GLY B 67 17.91 -6.59 2.77
CA GLY B 67 18.87 -7.27 3.61
C GLY B 67 18.80 -6.95 5.07
N SER B 68 17.83 -6.14 5.50
CA SER B 68 17.74 -5.74 6.91
C SER B 68 17.36 -6.92 7.79
N VAL B 69 16.46 -7.79 7.32
CA VAL B 69 15.97 -8.92 8.08
C VAL B 69 15.76 -10.08 7.13
N LYS B 70 15.68 -11.28 7.71
CA LYS B 70 15.20 -12.44 6.99
C LYS B 70 13.78 -12.74 7.45
N ARG B 71 13.06 -13.51 6.63
CA ARG B 71 11.68 -13.86 6.99
C ARG B 71 11.61 -14.49 8.38
N GLU B 72 12.58 -15.35 8.70
CA GLU B 72 12.56 -16.04 9.98
C GLU B 72 12.85 -15.12 11.16
N ASP B 73 13.29 -13.89 10.90
CA ASP B 73 13.49 -12.91 11.97
C ASP B 73 12.20 -12.19 12.34
N ILE B 74 11.17 -12.27 11.49
CA ILE B 74 9.93 -11.53 11.68
C ILE B 74 8.88 -12.48 12.24
N PHE B 75 8.14 -12.01 13.25
CA PHE B 75 7.00 -12.73 13.80
C PHE B 75 5.76 -11.95 13.38
N TYR B 76 5.04 -12.49 12.40
CA TYR B 76 3.86 -11.83 11.84
C TYR B 76 2.59 -12.50 12.31
N THR B 77 1.68 -11.71 12.86
CA THR B 77 0.38 -12.19 13.33
C THR B 77 -0.74 -11.71 12.41
N SER B 78 -1.63 -12.62 12.03
CA SER B 78 -2.92 -12.23 11.49
C SER B 78 -4.03 -12.83 12.34
N LYS B 79 -5.27 -12.46 12.01
CA LYS B 79 -6.41 -12.86 12.81
C LYS B 79 -7.58 -13.18 11.90
N LEU B 80 -8.29 -14.26 12.25
CA LEU B 80 -9.51 -14.69 11.60
C LEU B 80 -10.67 -13.82 12.06
N TRP B 81 -11.34 -13.15 11.12
CA TRP B 81 -12.46 -12.30 11.50
C TRP B 81 -13.71 -13.14 11.80
N SER B 82 -14.62 -12.53 12.56
CA SER B 82 -15.73 -13.25 13.20
C SER B 82 -16.80 -13.72 12.22
N THR B 83 -16.77 -13.24 10.98
CA THR B 83 -17.65 -13.76 9.94
C THR B 83 -17.11 -15.03 9.31
N PHE B 84 -15.95 -15.51 9.78
CA PHE B 84 -15.29 -16.68 9.21
C PHE B 84 -15.09 -17.79 10.24
N HIS B 85 -15.89 -17.80 11.30
CA HIS B 85 -15.76 -18.81 12.33
C HIS B 85 -16.23 -20.19 11.88
N ARG B 86 -17.17 -20.27 10.94
CA ARG B 86 -17.63 -21.58 10.53
C ARG B 86 -16.43 -22.35 9.95
N PRO B 87 -16.26 -23.63 10.32
CA PRO B 87 -14.95 -24.27 10.10
C PRO B 87 -14.52 -24.30 8.65
N GLU B 88 -15.44 -24.46 7.70
CA GLU B 88 -15.07 -24.50 6.28
C GLU B 88 -14.56 -23.16 5.76
N LEU B 89 -14.75 -22.07 6.51
CA LEU B 89 -14.29 -20.76 6.10
C LEU B 89 -12.91 -20.40 6.63
N VAL B 90 -12.35 -21.19 7.54
CA VAL B 90 -11.15 -20.79 8.27
C VAL B 90 -9.93 -20.83 7.35
N ARG B 91 -9.66 -21.98 6.75
CA ARG B 91 -8.50 -22.06 5.86
C ARG B 91 -8.57 -21.07 4.70
N PRO B 92 -9.70 -20.91 4.00
CA PRO B 92 -9.74 -19.88 2.93
C PRO B 92 -9.48 -18.47 3.45
N ALA B 93 -9.96 -18.14 4.65
CA ALA B 93 -9.67 -16.83 5.21
C ALA B 93 -8.18 -16.65 5.45
N LEU B 94 -7.51 -17.69 5.97
CA LEU B 94 -6.07 -17.59 6.18
C LEU B 94 -5.33 -17.51 4.85
N GLU B 95 -5.75 -18.31 3.86
CA GLU B 95 -5.09 -18.25 2.56
C GLU B 95 -5.25 -16.88 1.93
N ASN B 96 -6.41 -16.23 2.11
CA ASN B 96 -6.59 -14.89 1.59
C ASN B 96 -5.66 -13.89 2.27
N SER B 97 -5.52 -13.99 3.61
CA SER B 97 -4.57 -13.12 4.31
C SER B 97 -3.15 -13.34 3.81
N LEU B 98 -2.77 -14.61 3.59
CA LEU B 98 -1.43 -14.91 3.08
C LEU B 98 -1.23 -14.34 1.68
N LYS B 99 -2.26 -14.44 0.83
CA LYS B 99 -2.17 -13.86 -0.51
C LYS B 99 -2.02 -12.34 -0.45
N LYS B 100 -2.79 -11.68 0.40
CA LYS B 100 -2.71 -10.23 0.50
C LYS B 100 -1.32 -9.80 0.97
N ALA B 101 -0.80 -10.47 2.00
CA ALA B 101 0.49 -10.12 2.58
C ALA B 101 1.65 -10.65 1.76
N GLN B 102 1.38 -11.52 0.79
CA GLN B 102 2.41 -12.22 0.03
C GLN B 102 3.43 -12.90 0.95
N LEU B 103 2.89 -13.69 1.88
CA LEU B 103 3.69 -14.51 2.77
C LEU B 103 3.31 -15.97 2.57
N ASP B 104 4.24 -16.86 2.88
CA ASP B 104 3.95 -18.29 2.80
C ASP B 104 3.28 -18.81 4.06
N TYR B 105 3.47 -18.13 5.19
CA TYR B 105 2.89 -18.54 6.45
C TYR B 105 2.78 -17.31 7.32
N VAL B 106 1.87 -17.36 8.29
CA VAL B 106 1.89 -16.41 9.39
C VAL B 106 2.57 -17.10 10.57
N ASP B 107 3.27 -16.32 11.39
CA ASP B 107 3.82 -16.90 12.60
C ASP B 107 2.72 -17.20 13.61
N LEU B 108 1.63 -16.45 13.57
CA LEU B 108 0.57 -16.63 14.55
C LEU B 108 -0.74 -16.29 13.87
N TYR B 109 -1.72 -17.18 14.00
CA TYR B 109 -3.08 -16.91 13.55
C TYR B 109 -4.01 -17.00 14.75
N LEU B 110 -4.82 -15.96 14.96
CA LEU B 110 -5.71 -15.89 16.11
C LEU B 110 -7.16 -15.88 15.66
N ILE B 111 -8.02 -16.52 16.46
CA ILE B 111 -9.44 -16.18 16.43
C ILE B 111 -9.56 -14.77 17.02
N HIS B 112 -9.98 -13.80 16.18
CA HIS B 112 -9.96 -12.40 16.59
C HIS B 112 -10.88 -12.12 17.77
N SER B 113 -12.01 -12.81 17.83
CA SER B 113 -13.03 -12.53 18.84
C SER B 113 -13.91 -13.75 18.95
N PRO B 114 -14.43 -14.06 20.14
CA PRO B 114 -15.35 -15.20 20.26
C PRO B 114 -16.75 -14.90 19.75
N MET B 115 -17.04 -13.66 19.34
CA MET B 115 -18.41 -13.27 19.02
C MET B 115 -18.67 -13.47 17.53
N SER B 116 -19.10 -14.68 17.17
CA SER B 116 -19.34 -15.03 15.78
C SER B 116 -20.40 -14.13 15.16
N LEU B 117 -20.20 -13.79 13.89
CA LEU B 117 -21.10 -12.95 13.11
C LEU B 117 -21.52 -13.68 11.85
N LYS B 118 -22.62 -13.22 11.26
CA LYS B 118 -23.19 -13.85 10.07
C LYS B 118 -22.13 -14.01 8.99
N PRO B 119 -21.96 -15.20 8.40
CA PRO B 119 -20.98 -15.36 7.31
C PRO B 119 -21.35 -14.51 6.11
N GLY B 120 -20.33 -14.03 5.41
CA GLY B 120 -20.57 -13.21 4.24
C GLY B 120 -19.39 -12.28 3.98
N GLU B 121 -19.61 -11.39 3.01
CA GLU B 121 -18.56 -10.47 2.59
C GLU B 121 -18.36 -9.34 3.57
N GLU B 122 -19.46 -8.82 4.14
CA GLU B 122 -19.40 -7.65 5.01
C GLU B 122 -18.75 -8.01 6.33
N LEU B 123 -17.85 -7.13 6.80
CA LEU B 123 -17.21 -7.32 8.10
C LEU B 123 -18.20 -7.14 9.23
N SER B 124 -19.20 -6.29 9.05
CA SER B 124 -20.20 -6.00 10.08
C SER B 124 -21.57 -6.17 9.44
N PRO B 125 -22.04 -7.41 9.30
CA PRO B 125 -23.35 -7.63 8.68
C PRO B 125 -24.47 -7.10 9.56
N THR B 126 -25.41 -6.38 8.94
CA THR B 126 -26.52 -5.78 9.68
C THR B 126 -27.84 -6.14 9.01
N ASP B 127 -28.89 -6.14 9.82
CA ASP B 127 -30.22 -6.53 9.34
C ASP B 127 -31.00 -5.30 8.85
N GLU B 128 -32.29 -5.50 8.58
CA GLU B 128 -33.15 -4.44 8.06
C GLU B 128 -33.41 -3.34 9.07
N ASN B 129 -33.18 -3.59 10.36
CA ASN B 129 -33.29 -2.57 11.39
C ASN B 129 -31.93 -2.01 11.79
N GLY B 130 -30.88 -2.31 11.03
CA GLY B 130 -29.55 -1.82 11.31
C GLY B 130 -28.83 -2.53 12.44
N LYS B 131 -29.31 -3.70 12.88
CA LYS B 131 -28.69 -4.42 13.98
C LYS B 131 -27.67 -5.41 13.44
N VAL B 132 -26.52 -5.49 14.11
CA VAL B 132 -25.49 -6.45 13.72
C VAL B 132 -26.06 -7.87 13.86
N ILE B 133 -25.78 -8.71 12.87
CA ILE B 133 -26.33 -10.06 12.81
C ILE B 133 -25.32 -11.03 13.40
N PHE B 134 -25.65 -11.62 14.55
CA PHE B 134 -24.80 -12.62 15.16
C PHE B 134 -24.97 -13.97 14.46
N ASP B 135 -24.00 -14.85 14.68
CA ASP B 135 -24.10 -16.24 14.26
C ASP B 135 -23.78 -17.09 15.48
N ILE B 136 -24.19 -18.35 15.42
CA ILE B 136 -23.95 -19.32 16.48
C ILE B 136 -23.04 -20.39 15.91
N VAL B 137 -21.83 -20.48 16.45
CA VAL B 137 -20.83 -21.44 16.01
C VAL B 137 -20.17 -22.03 17.24
N ASP B 138 -20.05 -23.35 17.27
CA ASP B 138 -19.26 -24.00 18.31
C ASP B 138 -17.79 -23.66 18.04
N LEU B 139 -17.21 -22.82 18.91
CA LEU B 139 -15.84 -22.37 18.69
C LEU B 139 -14.83 -23.50 18.77
N CYS B 140 -15.21 -24.65 19.35
CA CYS B 140 -14.32 -25.79 19.30
C CYS B 140 -14.15 -26.32 17.88
N THR B 141 -15.19 -26.17 17.04
CA THR B 141 -15.03 -26.55 15.64
C THR B 141 -14.17 -25.53 14.89
N THR B 142 -14.33 -24.24 15.19
CA THR B 142 -13.40 -23.24 14.66
C THR B 142 -11.97 -23.60 15.05
N TRP B 143 -11.77 -23.98 16.31
CA TRP B 143 -10.43 -24.32 16.79
C TRP B 143 -9.86 -25.50 16.04
N GLU B 144 -10.66 -26.55 15.81
CA GLU B 144 -10.19 -27.69 15.05
C GLU B 144 -9.73 -27.27 13.66
N ALA B 145 -10.44 -26.32 13.04
CA ALA B 145 -10.02 -25.83 11.75
C ALA B 145 -8.71 -25.04 11.86
N MET B 146 -8.52 -24.30 12.96
CA MET B 146 -7.24 -23.62 13.19
C MET B 146 -6.11 -24.63 13.34
N GLU B 147 -6.37 -25.72 14.06
CA GLU B 147 -5.35 -26.76 14.21
C GLU B 147 -4.94 -27.31 12.86
N LYS B 148 -5.89 -27.51 11.95
CA LYS B 148 -5.54 -27.98 10.61
C LYS B 148 -4.68 -26.95 9.86
N CYS B 149 -4.89 -25.66 10.12
CA CYS B 149 -4.06 -24.64 9.48
C CYS B 149 -2.62 -24.71 9.97
N LYS B 150 -2.43 -25.03 11.26
CA LYS B 150 -1.08 -25.21 11.77
C LYS B 150 -0.43 -26.44 11.16
N ASP B 151 -1.16 -27.56 11.12
CA ASP B 151 -0.60 -28.76 10.50
C ASP B 151 -0.33 -28.55 9.01
N ALA B 152 -1.11 -27.69 8.34
CA ALA B 152 -0.90 -27.40 6.94
C ALA B 152 0.30 -26.50 6.70
N GLY B 153 0.92 -25.98 7.76
CA GLY B 153 2.08 -25.13 7.65
C GLY B 153 1.75 -23.67 7.38
N LEU B 154 0.47 -23.32 7.30
CA LEU B 154 0.07 -21.96 7.00
C LEU B 154 0.18 -21.03 8.20
N ALA B 155 0.13 -21.58 9.41
CA ALA B 155 0.32 -20.83 10.64
C ALA B 155 1.30 -21.62 11.48
N LYS B 156 2.38 -20.97 11.90
CA LYS B 156 3.33 -21.66 12.77
C LYS B 156 2.72 -21.93 14.15
N SER B 157 1.95 -20.96 14.66
CA SER B 157 1.30 -21.07 15.94
C SER B 157 -0.12 -20.55 15.80
N ILE B 158 -1.00 -21.02 16.68
CA ILE B 158 -2.40 -20.59 16.69
C ILE B 158 -2.79 -20.19 18.10
N GLY B 159 -3.67 -19.20 18.19
CA GLY B 159 -4.12 -18.71 19.47
C GLY B 159 -5.47 -18.02 19.35
N VAL B 160 -5.85 -17.32 20.41
CA VAL B 160 -7.14 -16.67 20.45
C VAL B 160 -6.98 -15.23 20.91
N SER B 161 -8.07 -14.48 20.79
CA SER B 161 -8.07 -13.09 21.19
C SER B 161 -9.45 -12.76 21.76
N ASN B 162 -9.45 -11.96 22.84
CA ASN B 162 -10.68 -11.51 23.47
C ASN B 162 -11.49 -12.65 24.11
N PHE B 163 -10.82 -13.73 24.49
CA PHE B 163 -11.48 -14.81 25.20
C PHE B 163 -11.39 -14.57 26.70
N ASN B 164 -12.44 -14.97 27.43
CA ASN B 164 -12.38 -14.98 28.89
C ASN B 164 -11.95 -16.37 29.36
N ARG B 165 -11.89 -16.55 30.69
CA ARG B 165 -11.43 -17.84 31.23
C ARG B 165 -12.33 -18.98 30.79
N ARG B 166 -13.65 -18.80 30.90
CA ARG B 166 -14.58 -19.84 30.50
C ARG B 166 -14.39 -20.26 29.04
N GLN B 167 -14.22 -19.27 28.16
CA GLN B 167 -14.02 -19.58 26.75
C GLN B 167 -12.70 -20.29 26.51
N LEU B 168 -11.64 -19.88 27.22
CA LEU B 168 -10.38 -20.62 27.14
C LEU B 168 -10.55 -22.06 27.61
N GLU B 169 -11.26 -22.26 28.73
CA GLU B 169 -11.45 -23.60 29.25
C GLU B 169 -12.21 -24.47 28.28
N MET B 170 -13.15 -23.89 27.54
CA MET B 170 -13.85 -24.64 26.52
C MET B 170 -12.88 -25.28 25.51
N ILE B 171 -11.89 -24.50 25.06
CA ILE B 171 -10.90 -25.05 24.14
C ILE B 171 -10.00 -26.05 24.87
N LEU B 172 -9.50 -25.67 26.05
CA LEU B 172 -8.55 -26.51 26.76
C LEU B 172 -9.16 -27.86 27.12
N ASN B 173 -10.46 -27.90 27.35
CA ASN B 173 -11.15 -29.13 27.72
C ASN B 173 -11.76 -29.86 26.53
N LYS B 174 -11.50 -29.40 25.31
CA LYS B 174 -12.12 -30.03 24.14
C LYS B 174 -11.60 -31.45 23.99
N PRO B 175 -12.49 -32.44 23.87
CA PRO B 175 -12.03 -33.81 23.60
C PRO B 175 -11.20 -33.84 22.33
N GLY B 176 -10.07 -34.54 22.39
CA GLY B 176 -9.23 -34.68 21.21
C GLY B 176 -8.43 -33.45 20.85
N LEU B 177 -8.33 -32.47 21.75
CA LEU B 177 -7.53 -31.28 21.48
C LEU B 177 -6.12 -31.67 21.07
N LYS B 178 -5.63 -31.03 20.02
CA LYS B 178 -4.27 -31.28 19.56
C LYS B 178 -3.29 -30.17 19.95
N TYR B 179 -3.72 -28.92 19.83
CA TYR B 179 -2.87 -27.78 20.13
C TYR B 179 -3.62 -26.83 21.06
N LYS B 180 -3.02 -26.53 22.20
CA LYS B 180 -3.53 -25.46 23.03
C LYS B 180 -3.33 -24.12 22.30
N PRO B 181 -4.14 -23.12 22.61
CA PRO B 181 -3.80 -21.77 22.14
C PRO B 181 -2.48 -21.34 22.76
N VAL B 182 -1.60 -20.76 21.93
CA VAL B 182 -0.34 -20.27 22.48
C VAL B 182 -0.53 -18.98 23.26
N CYS B 183 -1.61 -18.25 22.99
CA CYS B 183 -1.79 -16.94 23.60
C CYS B 183 -3.26 -16.58 23.60
N ASN B 184 -3.57 -15.57 24.41
CA ASN B 184 -4.87 -14.89 24.40
C ASN B 184 -4.54 -13.41 24.36
N GLN B 185 -4.80 -12.77 23.22
CA GLN B 185 -4.55 -11.34 23.04
C GLN B 185 -5.79 -10.57 23.51
N VAL B 186 -5.62 -9.71 24.52
CA VAL B 186 -6.76 -9.09 25.19
C VAL B 186 -6.40 -7.64 25.53
N GLU B 187 -7.45 -6.86 25.80
CA GLU B 187 -7.21 -5.48 26.24
C GLU B 187 -6.56 -5.51 27.61
N CYS B 188 -5.45 -4.81 27.76
CA CYS B 188 -4.70 -4.93 29.02
C CYS B 188 -3.81 -3.70 29.18
N HIS B 189 -3.98 -2.99 30.29
CA HIS B 189 -3.26 -1.75 30.59
C HIS B 189 -3.48 -1.47 32.06
N PRO B 190 -2.82 -0.47 32.65
CA PRO B 190 -3.00 -0.24 34.09
C PRO B 190 -4.42 0.05 34.56
N TYR B 191 -5.33 0.47 33.69
CA TYR B 191 -6.71 0.67 34.13
C TYR B 191 -7.57 -0.57 33.96
N PHE B 192 -7.00 -1.65 33.42
CA PHE B 192 -7.69 -2.90 33.15
C PHE B 192 -6.60 -3.97 33.04
N ASN B 193 -6.01 -4.35 34.18
CA ASN B 193 -4.75 -5.07 34.13
C ASN B 193 -4.91 -6.58 33.95
N ARG B 194 -6.13 -7.10 34.06
CA ARG B 194 -6.45 -8.50 33.75
C ARG B 194 -5.69 -9.48 34.65
N SER B 195 -5.41 -9.10 35.90
CA SER B 195 -4.52 -9.91 36.72
C SER B 195 -5.03 -11.33 36.92
N LYS B 196 -6.34 -11.49 37.13
CA LYS B 196 -6.85 -12.84 37.34
C LYS B 196 -6.78 -13.68 36.07
N LEU B 197 -7.09 -13.09 34.91
CA LEU B 197 -6.98 -13.81 33.66
C LEU B 197 -5.52 -14.13 33.36
N LEU B 198 -4.61 -13.20 33.68
CA LEU B 198 -3.19 -13.44 33.49
C LEU B 198 -2.71 -14.62 34.33
N ASP B 199 -3.11 -14.66 35.60
CA ASP B 199 -2.76 -15.79 36.45
C ASP B 199 -3.28 -17.09 35.89
N PHE B 200 -4.51 -17.09 35.38
CA PHE B 200 -5.05 -18.30 34.77
C PHE B 200 -4.24 -18.71 33.55
N CYS B 201 -3.97 -17.75 32.66
CA CYS B 201 -3.20 -18.06 31.47
C CYS B 201 -1.82 -18.61 31.83
N LYS B 202 -1.15 -17.98 32.82
CA LYS B 202 0.14 -18.49 33.26
C LYS B 202 0.04 -19.94 33.72
N SER B 203 -1.05 -20.29 34.41
CA SER B 203 -1.20 -21.64 34.93
C SER B 203 -1.41 -22.67 33.83
N LYS B 204 -1.74 -22.23 32.61
CA LYS B 204 -1.93 -23.12 31.48
C LYS B 204 -0.86 -22.93 30.41
N ASP B 205 0.21 -22.21 30.72
CA ASP B 205 1.26 -21.92 29.74
C ASP B 205 0.71 -21.22 28.50
N ILE B 206 -0.25 -20.33 28.69
CA ILE B 206 -0.79 -19.48 27.63
C ILE B 206 -0.27 -18.08 27.87
N VAL B 207 0.30 -17.48 26.84
CA VAL B 207 0.82 -16.12 26.95
C VAL B 207 -0.33 -15.13 26.84
N LEU B 208 -0.37 -14.15 27.73
CA LEU B 208 -1.30 -13.04 27.57
C LEU B 208 -0.60 -11.95 26.76
N VAL B 209 -1.23 -11.51 25.68
CA VAL B 209 -0.72 -10.44 24.83
C VAL B 209 -1.62 -9.24 25.01
N ALA B 210 -1.03 -8.11 25.42
CA ALA B 210 -1.79 -6.91 25.76
C ALA B 210 -1.97 -6.00 24.55
N TYR B 211 -3.21 -5.66 24.24
CA TYR B 211 -3.49 -4.58 23.32
C TYR B 211 -4.10 -3.38 24.06
N SER B 212 -4.09 -2.24 23.39
CA SER B 212 -4.45 -0.96 24.01
C SER B 212 -3.62 -0.72 25.27
N ALA B 213 -2.38 -1.19 25.25
CA ALA B 213 -1.49 -1.09 26.39
C ALA B 213 -1.11 0.35 26.68
N LEU B 214 -1.29 1.24 25.70
CA LEU B 214 -1.04 2.66 25.87
C LEU B 214 -2.33 3.45 26.04
N GLY B 215 -3.46 2.77 26.22
CA GLY B 215 -4.72 3.41 26.49
C GLY B 215 -5.64 3.55 25.31
N SER B 216 -5.33 2.85 24.20
CA SER B 216 -6.12 2.86 22.97
C SER B 216 -5.93 4.12 22.14
N GLN B 217 -6.43 4.10 20.92
CA GLN B 217 -6.40 5.26 20.03
C GLN B 217 -7.55 6.21 20.30
N ARG B 218 -8.42 5.87 21.25
CA ARG B 218 -9.53 6.75 21.65
C ARG B 218 -10.34 7.19 20.44
N ASP B 219 -10.55 6.26 19.51
CA ASP B 219 -11.35 6.58 18.33
C ASP B 219 -12.74 7.00 18.78
N LYS B 220 -13.17 8.19 18.32
CA LYS B 220 -14.45 8.76 18.76
C LYS B 220 -15.62 7.85 18.45
N ARG B 221 -15.45 6.89 17.52
CA ARG B 221 -16.53 6.00 17.15
C ARG B 221 -16.70 4.82 18.09
N TRP B 222 -15.67 4.48 18.89
CA TRP B 222 -15.80 3.34 19.77
C TRP B 222 -15.13 3.50 21.13
N VAL B 223 -14.71 4.71 21.50
CA VAL B 223 -14.17 4.96 22.83
C VAL B 223 -14.89 6.18 23.40
N ASP B 224 -15.45 6.03 24.59
CA ASP B 224 -16.11 7.12 25.29
C ASP B 224 -15.11 8.26 25.47
N PRO B 225 -15.36 9.45 24.93
CA PRO B 225 -14.41 10.55 25.11
C PRO B 225 -14.24 10.99 26.55
N ASN B 226 -15.17 10.63 27.43
CA ASN B 226 -15.07 10.95 28.85
C ASN B 226 -14.26 9.94 29.65
N SER B 227 -13.82 8.85 29.01
CA SER B 227 -12.96 7.91 29.70
C SER B 227 -11.64 8.60 30.05
N PRO B 228 -11.03 8.25 31.19
CA PRO B 228 -9.74 8.86 31.54
C PRO B 228 -8.68 8.48 30.52
N VAL B 229 -7.78 9.44 30.26
CA VAL B 229 -6.67 9.22 29.33
C VAL B 229 -5.56 8.50 30.08
N LEU B 230 -5.28 7.26 29.69
CA LEU B 230 -4.32 6.45 30.44
C LEU B 230 -2.98 7.16 30.63
N LEU B 231 -2.44 7.73 29.55
CA LEU B 231 -1.10 8.31 29.62
C LEU B 231 -1.05 9.62 30.38
N GLU B 232 -2.19 10.14 30.84
CA GLU B 232 -2.22 11.29 31.72
C GLU B 232 -2.37 10.89 33.18
N ASP B 233 -2.31 9.60 33.48
CA ASP B 233 -2.50 9.14 34.86
C ASP B 233 -1.41 9.73 35.76
N PRO B 234 -1.77 10.28 36.92
CA PRO B 234 -0.75 10.90 37.77
C PRO B 234 0.32 9.93 38.26
N VAL B 235 -0.05 8.69 38.55
CA VAL B 235 0.94 7.72 39.00
C VAL B 235 1.90 7.35 37.86
N LEU B 236 1.36 7.11 36.67
CA LEU B 236 2.23 6.81 35.54
C LEU B 236 3.13 7.99 35.23
N CYS B 237 2.60 9.22 35.33
CA CYS B 237 3.41 10.38 35.01
C CYS B 237 4.49 10.60 36.06
N ALA B 238 4.17 10.35 37.34
CA ALA B 238 5.18 10.48 38.39
C ALA B 238 6.28 9.44 38.21
N LEU B 239 5.92 8.21 37.84
CA LEU B 239 6.92 7.19 37.60
C LEU B 239 7.78 7.54 36.38
N ALA B 240 7.17 8.11 35.35
CA ALA B 240 7.94 8.54 34.19
C ALA B 240 8.96 9.60 34.59
N LYS B 241 8.55 10.55 35.43
CA LYS B 241 9.48 11.57 35.90
C LYS B 241 10.60 10.95 36.73
N LYS B 242 10.24 10.03 37.62
CA LYS B 242 11.23 9.40 38.49
C LYS B 242 12.28 8.64 37.70
N HIS B 243 11.85 7.92 36.66
CA HIS B 243 12.75 7.10 35.85
C HIS B 243 13.33 7.85 34.66
N LYS B 244 12.95 9.11 34.44
CA LYS B 244 13.39 9.85 33.24
C LYS B 244 13.01 9.11 31.96
N ARG B 245 11.79 8.57 31.95
CA ARG B 245 11.25 7.95 30.74
C ARG B 245 9.99 8.70 30.36
N THR B 246 9.02 8.03 29.78
CA THR B 246 7.75 8.63 29.40
C THR B 246 6.64 7.76 29.95
N PRO B 247 5.43 8.32 30.12
CA PRO B 247 4.32 7.48 30.60
C PRO B 247 4.09 6.24 29.75
N ALA B 248 4.23 6.38 28.43
CA ALA B 248 4.06 5.22 27.55
C ALA B 248 5.09 4.15 27.88
N LEU B 249 6.34 4.55 28.10
CA LEU B 249 7.37 3.56 28.40
C LEU B 249 7.10 2.87 29.74
N ILE B 250 6.59 3.62 30.72
CA ILE B 250 6.18 3.00 31.99
C ILE B 250 5.12 1.94 31.75
N ALA B 251 4.10 2.29 30.94
CA ALA B 251 2.99 1.37 30.69
C ALA B 251 3.45 0.11 29.97
N LEU B 252 4.40 0.24 29.03
CA LEU B 252 4.93 -0.93 28.32
C LEU B 252 5.79 -1.77 29.24
N ARG B 253 6.67 -1.13 30.04
CA ARG B 253 7.57 -1.88 30.90
C ARG B 253 6.79 -2.64 31.96
N TYR B 254 5.70 -2.05 32.45
CA TYR B 254 4.83 -2.73 33.40
C TYR B 254 4.43 -4.10 32.88
N GLN B 255 4.00 -4.17 31.62
CA GLN B 255 3.57 -5.45 31.07
C GLN B 255 4.74 -6.43 30.99
N LEU B 256 5.89 -5.98 30.50
CA LEU B 256 7.02 -6.90 30.36
C LEU B 256 7.38 -7.52 31.70
N GLN B 257 7.35 -6.73 32.77
CA GLN B 257 7.79 -7.23 34.08
C GLN B 257 6.77 -8.13 34.74
N ARG B 258 5.52 -8.14 34.30
CA ARG B 258 4.54 -9.08 34.80
C ARG B 258 4.33 -10.29 33.87
N GLY B 259 5.21 -10.47 32.89
CA GLY B 259 5.14 -11.64 32.04
C GLY B 259 4.17 -11.53 30.89
N VAL B 260 3.76 -10.32 30.53
CA VAL B 260 2.82 -10.09 29.45
C VAL B 260 3.59 -9.63 28.22
N VAL B 261 3.24 -10.18 27.06
CA VAL B 261 3.77 -9.68 25.79
C VAL B 261 2.96 -8.46 25.41
N VAL B 262 3.62 -7.38 25.02
CA VAL B 262 2.95 -6.09 24.89
C VAL B 262 3.03 -5.58 23.46
N LEU B 263 1.89 -5.15 22.93
CA LEU B 263 1.83 -4.46 21.65
C LEU B 263 1.87 -2.96 21.86
N ALA B 264 2.36 -2.24 20.86
CA ALA B 264 2.39 -0.79 20.90
C ALA B 264 2.17 -0.28 19.49
N LYS B 265 1.06 0.40 19.25
CA LYS B 265 0.84 1.04 17.97
C LYS B 265 1.40 2.45 18.00
N SER B 266 2.17 2.80 16.97
CA SER B 266 2.50 4.19 16.71
C SER B 266 2.69 4.34 15.21
N TYR B 267 2.13 5.41 14.66
CA TYR B 267 2.41 5.80 13.28
C TYR B 267 3.33 7.01 13.22
N ASN B 268 4.08 7.26 14.28
CA ASN B 268 4.98 8.40 14.40
C ASN B 268 6.40 7.88 14.53
N GLU B 269 7.30 8.32 13.64
CA GLU B 269 8.64 7.71 13.62
C GLU B 269 9.33 7.83 14.97
N GLN B 270 9.24 8.98 15.62
CA GLN B 270 10.00 9.11 16.85
C GLN B 270 9.38 8.31 17.99
N ARG B 271 8.05 8.21 18.05
CA ARG B 271 7.45 7.39 19.09
C ARG B 271 7.70 5.90 18.84
N ILE B 272 7.72 5.48 17.57
CA ILE B 272 8.10 4.11 17.25
C ILE B 272 9.47 3.79 17.84
N ARG B 273 10.43 4.70 17.63
CA ARG B 273 11.79 4.48 18.13
C ARG B 273 11.84 4.58 19.64
N GLN B 274 11.03 5.46 20.23
CA GLN B 274 11.00 5.55 21.69
C GLN B 274 10.53 4.24 22.31
N ASN B 275 9.54 3.61 21.68
CA ASN B 275 8.92 2.45 22.32
C ASN B 275 9.89 1.29 22.47
N VAL B 276 10.86 1.16 21.55
N VAL B 276 10.86 1.18 21.55
CA VAL B 276 11.84 0.08 21.70
CA VAL B 276 11.87 0.14 21.65
C VAL B 276 12.80 0.32 22.85
C VAL B 276 12.71 0.30 22.90
N GLN B 277 12.77 1.52 23.45
CA GLN B 277 13.58 1.78 24.64
C GLN B 277 13.01 1.13 25.89
N VAL B 278 11.88 0.43 25.79
CA VAL B 278 11.31 -0.28 26.94
C VAL B 278 12.32 -1.25 27.53
N PHE B 279 13.26 -1.74 26.72
CA PHE B 279 14.26 -2.70 27.20
C PHE B 279 15.41 -2.06 27.97
N GLU B 280 15.46 -0.73 28.07
CA GLU B 280 16.63 -0.04 28.59
C GLU B 280 16.54 0.30 30.08
N PHE B 281 15.42 0.01 30.74
CA PHE B 281 15.27 0.38 32.14
C PHE B 281 14.34 -0.61 32.81
N GLN B 282 14.27 -0.50 34.14
CA GLN B 282 13.52 -1.43 34.96
C GLN B 282 12.70 -0.67 35.99
N LEU B 283 11.49 -1.15 36.25
CA LEU B 283 10.67 -0.66 37.34
C LEU B 283 10.96 -1.49 38.59
N THR B 284 10.91 -0.84 39.75
CA THR B 284 11.10 -1.57 40.99
C THR B 284 9.86 -2.37 41.34
N ALA B 285 10.03 -3.31 42.28
CA ALA B 285 8.89 -4.05 42.79
C ALA B 285 7.83 -3.11 43.36
N GLU B 286 8.27 -2.04 44.01
CA GLU B 286 7.33 -1.07 44.57
C GLU B 286 6.62 -0.30 43.46
N ASP B 287 7.34 0.08 42.41
CA ASP B 287 6.69 0.71 41.26
C ASP B 287 5.62 -0.20 40.68
N MET B 288 5.92 -1.49 40.55
CA MET B 288 4.96 -2.42 39.97
C MET B 288 3.69 -2.49 40.82
N LYS B 289 3.84 -2.52 42.14
CA LYS B 289 2.66 -2.55 43.01
C LYS B 289 1.85 -1.27 42.88
N ALA B 290 2.52 -0.12 42.76
CA ALA B 290 1.79 1.14 42.57
C ALA B 290 0.97 1.09 41.28
N ILE B 291 1.54 0.54 40.21
CA ILE B 291 0.78 0.44 38.97
C ILE B 291 -0.37 -0.56 39.11
N ASP B 292 -0.12 -1.67 39.83
CA ASP B 292 -1.18 -2.65 40.07
C ASP B 292 -2.39 -2.00 40.73
N GLY B 293 -2.16 -0.97 41.54
CA GLY B 293 -3.26 -0.30 42.23
C GLY B 293 -4.14 0.55 41.34
N LEU B 294 -3.78 0.73 40.07
CA LEU B 294 -4.51 1.65 39.21
C LEU B 294 -5.74 1.04 38.56
N ASP B 295 -5.94 -0.26 38.68
CA ASP B 295 -7.00 -0.92 37.91
C ASP B 295 -8.37 -0.30 38.20
N ARG B 296 -9.09 0.05 37.13
N ARG B 296 -9.09 0.03 37.13
CA ARG B 296 -10.42 0.63 37.21
CA ARG B 296 -10.42 0.63 37.22
C ARG B 296 -11.48 -0.22 36.54
C ARG B 296 -11.48 -0.22 36.52
N ASN B 297 -11.12 -1.44 36.11
CA ASN B 297 -12.01 -2.27 35.27
C ASN B 297 -12.53 -1.48 34.08
N LEU B 298 -11.64 -0.73 33.43
CA LEU B 298 -12.03 0.18 32.36
C LEU B 298 -11.60 -0.42 31.03
N HIS B 299 -12.55 -0.85 30.21
N HIS B 299 -12.59 -0.77 30.22
CA HIS B 299 -12.22 -1.24 28.85
CA HIS B 299 -12.37 -1.17 28.85
C HIS B 299 -12.56 -0.10 27.88
C HIS B 299 -12.54 0.07 27.99
N TYR B 300 -11.54 0.39 27.17
CA TYR B 300 -11.69 1.55 26.30
C TYR B 300 -12.65 1.28 25.16
N PHE B 301 -12.59 0.08 24.59
CA PHE B 301 -13.49 -0.23 23.50
C PHE B 301 -14.90 -0.35 24.04
N ASN B 302 -15.81 0.46 23.47
CA ASN B 302 -17.21 0.45 23.85
C ASN B 302 -17.85 -0.70 23.10
N SER B 303 -17.89 -1.85 23.76
CA SER B 303 -18.50 -3.06 23.21
C SER B 303 -19.91 -3.29 23.75
N ASP B 304 -20.57 -2.23 24.22
CA ASP B 304 -21.89 -2.36 24.84
C ASP B 304 -22.92 -2.94 23.86
N SER B 305 -22.81 -2.58 22.59
CA SER B 305 -23.77 -3.07 21.60
C SER B 305 -23.67 -4.58 21.40
N PHE B 306 -22.56 -5.19 21.81
CA PHE B 306 -22.35 -6.62 21.73
C PHE B 306 -22.58 -7.31 23.07
N ALA B 307 -23.03 -6.58 24.09
CA ALA B 307 -23.20 -7.16 25.41
C ALA B 307 -24.22 -8.28 25.42
N SER B 308 -25.15 -8.31 24.47
CA SER B 308 -26.14 -9.37 24.36
C SER B 308 -25.64 -10.57 23.57
N HIS B 309 -24.44 -10.51 23.02
CA HIS B 309 -23.92 -11.66 22.30
C HIS B 309 -23.68 -12.78 23.30
N PRO B 310 -24.11 -14.01 23.02
CA PRO B 310 -23.87 -15.10 23.97
C PRO B 310 -22.41 -15.31 24.32
N ASN B 311 -21.50 -14.96 23.42
N ASN B 311 -21.50 -14.96 23.42
CA ASN B 311 -20.07 -15.10 23.68
CA ASN B 311 -20.07 -15.11 23.65
C ASN B 311 -19.40 -13.78 24.03
C ASN B 311 -19.40 -13.80 24.07
N TYR B 312 -20.17 -12.79 24.47
CA TYR B 312 -19.57 -11.55 24.96
C TYR B 312 -18.59 -11.88 26.08
N PRO B 313 -17.34 -11.44 26.00
CA PRO B 313 -16.35 -11.93 26.95
C PRO B 313 -16.38 -11.26 28.30
N TYR B 314 -17.05 -10.12 28.44
CA TYR B 314 -16.92 -9.30 29.63
C TYR B 314 -18.05 -9.48 30.64
N SER B 315 -18.91 -10.48 30.48
CA SER B 315 -19.94 -10.69 31.49
C SER B 315 -19.39 -11.39 32.73
N ASP B 316 -18.43 -12.31 32.54
CA ASP B 316 -17.83 -13.03 33.64
C ASP B 316 -16.86 -12.14 34.42
N GLU B 317 -16.59 -12.54 35.66
CA GLU B 317 -15.65 -11.79 36.49
C GLU B 317 -14.29 -11.70 35.80
N TYR B 318 -13.87 -12.77 35.16
CA TYR B 318 -12.70 -12.78 34.28
C TYR B 318 -12.74 -14.06 33.46
#